data_8CT3
#
_entry.id   8CT3
#
_cell.length_a   1.00
_cell.length_b   1.00
_cell.length_c   1.00
_cell.angle_alpha   90.00
_cell.angle_beta   90.00
_cell.angle_gamma   90.00
#
_symmetry.space_group_name_H-M   'P 1'
#
loop_
_entity.id
_entity.type
_entity.pdbx_description
1 polymer Glycophorin-A
2 polymer 'Band 3 anion transport protein'
3 non-polymer CHOLESTEROL
4 non-polymer 2-acetamido-2-deoxy-beta-D-glucopyranose
5 non-polymer '[(2R)-2-octanoyloxy-3-[oxidanyl-[(1R,2R,3S,4R,5R,6S)-2,3,6-tris(oxidanyl)-4,5-diphosphonooxy-cyclohexyl]oxy-phosphoryl]oxy-propyl] octanoate'
#
loop_
_entity_poly.entity_id
_entity_poly.type
_entity_poly.pdbx_seq_one_letter_code
_entity_poly.pdbx_strand_id
1 'polypeptide(L)'
;MYGKIIFVLLLSEIVSISASSTTGVAMHTSTSSSVTKSYISSQTNDTHKRDTYAATPRAHEVSEISVRTVYPPEEETGER
VQLAHHFSEPEITLIIFGVMAGVIGTILLISYGIRRLIKKSPSDVKPLPSPDTDVPLSSVEIENPETSDQ
;
B,D
2 'polypeptide(L)'
;MEELQDDYEDMMEENLEQEEYEDPDIPESQMEEPAAHDTEATATDYHTTSHPGTHKVYVELQELVMDEKNQELRWMEAAR
WVQLEENLGENGAWGRPHLSHLTFWSLLELRRVFTKGTVLLDLQETSLAGVANQLLDRFIFEDQIRPQDREELLRALLLK
HSHAGELEALGGVKPAVLTRSGDPSQPLLPQHSSLETQLFCEQGDGGTEGHSPSGILEKIPPDSEATLVLVGRADFLEQP
VLGFVRLQEAAELEAVELPVPIRFLFVLLGPEAPHIDYTQLGRAAATLMSERVFRIDAYMAQSRGELLHSLEGFLDCSLV
LPPTDAPSEQALLSLVPVQRELLRRRYQSSPAKPDSSFYKGLDLNGGPDDPLQQTGQLFGGLVRDIRRRYPYYLSDITDA
FSPQVLAAVIFIYFAALSPAITFGGLLGEKTRNQMGVSELLISTAVQGILFALLGAQPLLVVGFSGPLLVFEEAFFSFCE
TNGLEYIVGRVWIGFWLILLVVLVVAFEGSFLVRFISRYTQEIFSFLISLIFIYETFSKLIKIFQDHPLQKTYNYNVLMV
PKPQGPLPNTALLSLVLMAGTFFFAMMLRKFKNSSYFPGKLRRVIGDFGVPISILIMVLVDFFIQDTYTQKLSVPDGFKV
SNSSARGWVIHPLGLRSEFPIWMMFASALPALLVFILIFLESQITTLIVSKPERKMVKGSGFHLDLLLVVGMGGVAALFG
MPWLSATTVRSVTHANALTVMGKASTPGAAAQIQEVKEQRISGLLVAVLVGLSILMEPILSRIPLAVLFGIFLYMGVTSL
SGIQLFDRILLLFKPPKYHPDVPYVKRVKTWRMHLFTGIQIICLAVLWVVKSTPASLALPFVLILTVPLRRVLLPLIFRN
VELQCLDADDAKATFDEEEGRDEYDEVAMPV
;
C,E
#
# COMPACT_ATOMS: atom_id res chain seq x y z
N GLY A 78 -50.77 20.27 -6.52
CA GLY A 78 -49.68 19.83 -5.66
C GLY A 78 -49.87 18.44 -5.09
N GLU A 79 -49.84 18.34 -3.77
CA GLU A 79 -50.00 17.06 -3.10
C GLU A 79 -50.88 17.24 -1.87
N ARG A 80 -51.69 16.23 -1.58
CA ARG A 80 -52.61 16.19 -0.43
C ARG A 80 -53.60 17.35 -0.59
N VAL A 81 -53.90 18.09 0.48
CA VAL A 81 -54.80 19.24 0.43
C VAL A 81 -53.99 20.49 0.69
N GLN A 82 -54.07 21.46 -0.23
CA GLN A 82 -53.35 22.71 -0.12
C GLN A 82 -54.34 23.86 0.02
N LEU A 83 -53.96 24.86 0.81
CA LEU A 83 -54.80 26.05 0.99
C LEU A 83 -54.98 26.78 -0.33
N ALA A 84 -56.22 27.18 -0.60
CA ALA A 84 -56.54 27.86 -1.86
C ALA A 84 -56.18 29.34 -1.75
N HIS A 85 -55.52 29.84 -2.78
CA HIS A 85 -55.11 31.24 -2.86
C HIS A 85 -55.78 31.91 -4.04
N HIS A 86 -55.80 33.25 -3.99
CA HIS A 86 -56.38 34.01 -5.09
C HIS A 86 -55.57 33.85 -6.37
N PHE A 87 -54.24 33.82 -6.25
CA PHE A 87 -53.35 33.66 -7.38
C PHE A 87 -52.80 32.24 -7.43
N SER A 88 -52.84 31.62 -8.60
CA SER A 88 -52.24 30.31 -8.78
C SER A 88 -50.72 30.45 -8.85
N GLU A 89 -50.04 29.31 -8.89
CA GLU A 89 -48.57 29.30 -8.89
C GLU A 89 -47.98 30.03 -10.10
N PRO A 90 -48.41 29.78 -11.35
CA PRO A 90 -47.87 30.61 -12.45
C PRO A 90 -48.17 32.09 -12.29
N GLU A 91 -49.37 32.43 -11.83
CA GLU A 91 -49.73 33.84 -11.66
C GLU A 91 -48.87 34.51 -10.60
N ILE A 92 -48.69 33.84 -9.44
CA ILE A 92 -47.92 34.46 -8.37
C ILE A 92 -46.44 34.54 -8.75
N THR A 93 -45.92 33.53 -9.45
CA THR A 93 -44.51 33.61 -9.84
C THR A 93 -44.30 34.67 -10.93
N LEU A 94 -45.29 34.87 -11.80
CA LEU A 94 -45.19 35.95 -12.78
C LEU A 94 -45.23 37.31 -12.09
N ILE A 95 -46.09 37.46 -11.07
CA ILE A 95 -46.15 38.72 -10.33
C ILE A 95 -44.84 38.99 -9.61
N ILE A 96 -44.27 37.96 -8.98
CA ILE A 96 -43.00 38.13 -8.26
C ILE A 96 -41.88 38.46 -9.23
N PHE A 97 -41.82 37.80 -10.37
CA PHE A 97 -40.80 38.11 -11.37
C PHE A 97 -40.98 39.51 -11.94
N GLY A 98 -42.22 39.95 -12.13
CA GLY A 98 -42.45 41.32 -12.60
C GLY A 98 -42.01 42.36 -11.58
N VAL A 99 -42.29 42.12 -10.31
CA VAL A 99 -41.83 43.03 -9.25
C VAL A 99 -40.32 43.05 -9.21
N MET A 100 -39.68 41.89 -9.31
CA MET A 100 -38.22 41.83 -9.32
C MET A 100 -37.63 42.56 -10.52
N ALA A 101 -38.24 42.40 -11.70
CA ALA A 101 -37.76 43.10 -12.88
C ALA A 101 -37.93 44.60 -12.74
N GLY A 102 -39.05 45.04 -12.15
CA GLY A 102 -39.23 46.46 -11.91
C GLY A 102 -38.20 47.03 -10.95
N VAL A 103 -37.89 46.29 -9.88
CA VAL A 103 -36.87 46.73 -8.94
C VAL A 103 -35.51 46.81 -9.61
N ILE A 104 -35.17 45.80 -10.42
CA ILE A 104 -33.89 45.78 -11.12
C ILE A 104 -33.80 46.95 -12.09
N GLY A 105 -34.88 47.22 -12.82
CA GLY A 105 -34.90 48.34 -13.74
C GLY A 105 -34.77 49.68 -13.03
N THR A 106 -35.43 49.83 -11.88
CA THR A 106 -35.31 51.06 -11.11
C THR A 106 -33.87 51.25 -10.62
N ILE A 107 -33.25 50.18 -10.14
CA ILE A 107 -31.87 50.27 -9.66
C ILE A 107 -30.93 50.63 -10.82
N LEU A 108 -31.14 50.01 -11.99
CA LEU A 108 -30.30 50.31 -13.14
C LEU A 108 -30.48 51.74 -13.60
N LEU A 109 -31.71 52.25 -13.60
CA LEU A 109 -31.95 53.64 -13.99
C LEU A 109 -31.32 54.61 -13.00
N ILE A 110 -31.39 54.29 -11.70
CA ILE A 110 -30.75 55.14 -10.70
C ILE A 110 -29.23 55.15 -10.89
N SER A 111 -28.64 53.97 -11.14
CA SER A 111 -27.20 53.90 -11.36
C SER A 111 -26.80 54.64 -12.64
N TYR A 112 -27.64 54.58 -13.67
CA TYR A 112 -27.38 55.33 -14.89
C TYR A 112 -27.45 56.83 -14.64
N GLY A 113 -28.40 57.27 -13.79
CA GLY A 113 -28.49 58.68 -13.46
C GLY A 113 -27.27 59.17 -12.70
N ILE A 114 -26.81 58.40 -11.72
CA ILE A 114 -25.58 58.73 -11.02
C ILE A 114 -24.40 58.48 -11.95
N ARG A 115 -23.23 59.05 -11.60
CA ARG A 115 -21.98 59.04 -12.35
C ARG A 115 -22.05 59.87 -13.62
N ARG A 116 -23.10 60.67 -13.82
CA ARG A 116 -23.21 61.56 -14.96
C ARG A 116 -23.38 63.03 -14.58
N LEU A 117 -24.19 63.33 -13.56
CA LEU A 117 -24.39 64.70 -13.14
C LEU A 117 -23.27 65.14 -12.20
N GLY B 78 18.99 -42.91 28.80
CA GLY B 78 18.09 -42.34 27.82
C GLY B 78 16.69 -42.08 28.35
N GLU B 79 15.69 -42.67 27.72
CA GLU B 79 14.31 -42.49 28.11
C GLU B 79 13.57 -43.82 28.02
N ARG B 80 12.66 -44.03 28.95
CA ARG B 80 11.81 -45.25 29.03
C ARG B 80 12.75 -46.45 29.21
N VAL B 81 12.53 -47.55 28.51
CA VAL B 81 13.37 -48.73 28.59
C VAL B 81 14.09 -48.90 27.25
N GLN B 82 15.41 -48.99 27.30
CA GLN B 82 16.24 -49.13 26.11
C GLN B 82 16.95 -50.48 26.16
N LEU B 83 17.11 -51.09 24.99
CA LEU B 83 17.82 -52.36 24.89
C LEU B 83 19.27 -52.21 25.32
N ALA B 84 19.75 -53.14 26.13
CA ALA B 84 21.11 -53.10 26.64
C ALA B 84 22.09 -53.61 25.61
N HIS B 85 23.17 -52.87 25.41
CA HIS B 85 24.22 -53.24 24.46
C HIS B 85 25.54 -53.47 25.19
N HIS B 86 26.45 -54.15 24.52
CA HIS B 86 27.77 -54.40 25.10
C HIS B 86 28.54 -53.10 25.27
N PHE B 87 28.45 -52.20 24.29
CA PHE B 87 29.14 -50.92 24.33
C PHE B 87 28.14 -49.82 24.68
N SER B 88 28.54 -48.95 25.62
CA SER B 88 27.74 -47.78 25.94
C SER B 88 27.88 -46.73 24.84
N GLU B 89 27.10 -45.66 24.97
CA GLU B 89 27.10 -44.61 23.94
C GLU B 89 28.46 -43.94 23.77
N PRO B 90 29.17 -43.50 24.83
CA PRO B 90 30.53 -42.98 24.60
C PRO B 90 31.47 -44.01 23.99
N GLU B 91 31.38 -45.27 24.42
CA GLU B 91 32.27 -46.30 23.88
C GLU B 91 31.99 -46.53 22.40
N ILE B 92 30.72 -46.65 22.02
CA ILE B 92 30.40 -46.94 20.63
C ILE B 92 30.72 -45.74 19.74
N THR B 93 30.51 -44.51 20.24
CA THR B 93 30.84 -43.35 19.41
C THR B 93 32.35 -43.19 19.29
N LEU B 94 33.11 -43.55 20.33
CA LEU B 94 34.57 -43.54 20.21
C LEU B 94 35.05 -44.58 19.21
N ILE B 95 34.44 -45.77 19.23
CA ILE B 95 34.82 -46.81 18.26
C ILE B 95 34.51 -46.35 16.83
N ILE B 96 33.33 -45.76 16.63
CA ILE B 96 32.94 -45.29 15.30
C ILE B 96 33.87 -44.18 14.83
N PHE B 97 34.20 -43.23 15.72
CA PHE B 97 35.12 -42.16 15.36
C PHE B 97 36.52 -42.69 15.07
N GLY B 98 36.96 -43.71 15.80
CA GLY B 98 38.26 -44.31 15.52
C GLY B 98 38.29 -45.00 14.18
N VAL B 99 37.22 -45.72 13.84
CA VAL B 99 37.13 -46.37 12.53
C VAL B 99 37.12 -45.32 11.43
N MET B 100 36.36 -44.23 11.63
CA MET B 100 36.33 -43.16 10.63
C MET B 100 37.69 -42.51 10.46
N ALA B 101 38.41 -42.28 11.58
CA ALA B 101 39.74 -41.70 11.50
C ALA B 101 40.71 -42.63 10.79
N GLY B 102 40.60 -43.93 11.04
CA GLY B 102 41.44 -44.89 10.34
C GLY B 102 41.18 -44.90 8.85
N VAL B 103 39.90 -44.84 8.46
CA VAL B 103 39.55 -44.81 7.04
C VAL B 103 40.08 -43.53 6.39
N ILE B 104 39.93 -42.39 7.08
CA ILE B 104 40.41 -41.12 6.55
C ILE B 104 41.93 -41.15 6.39
N GLY B 105 42.63 -41.69 7.39
CA GLY B 105 44.08 -41.80 7.30
C GLY B 105 44.53 -42.71 6.17
N THR B 106 43.83 -43.83 5.98
CA THR B 106 44.16 -44.74 4.88
C THR B 106 43.96 -44.05 3.53
N ILE B 107 42.85 -43.32 3.39
CA ILE B 107 42.60 -42.60 2.13
C ILE B 107 43.66 -41.54 1.90
N LEU B 108 44.04 -40.80 2.95
CA LEU B 108 45.06 -39.77 2.79
C LEU B 108 46.41 -40.38 2.44
N LEU B 109 46.76 -41.52 3.05
CA LEU B 109 48.02 -42.18 2.71
C LEU B 109 48.02 -42.69 1.28
N ILE B 110 46.88 -43.23 0.82
CA ILE B 110 46.79 -43.69 -0.56
C ILE B 110 46.94 -42.51 -1.52
N SER B 111 46.27 -41.39 -1.22
CA SER B 111 46.38 -40.21 -2.08
C SER B 111 47.80 -39.66 -2.08
N TYR B 112 48.48 -39.72 -0.94
CA TYR B 112 49.88 -39.30 -0.88
C TYR B 112 50.76 -40.21 -1.71
N GLY B 113 50.48 -41.52 -1.69
CA GLY B 113 51.25 -42.44 -2.51
C GLY B 113 51.07 -42.20 -3.99
N ILE B 114 49.83 -41.98 -4.43
CA ILE B 114 49.57 -41.61 -5.81
C ILE B 114 50.05 -40.17 -6.03
N ARG B 115 50.21 -39.80 -7.31
CA ARG B 115 50.74 -38.52 -7.80
C ARG B 115 52.23 -38.34 -7.52
N ARG B 116 52.92 -39.40 -7.09
CA ARG B 116 54.36 -39.34 -6.88
C ARG B 116 55.13 -40.37 -7.69
N LEU B 117 54.64 -41.61 -7.79
CA LEU B 117 55.31 -42.64 -8.56
C LEU B 117 54.97 -42.53 -10.04
N PRO C 371 -9.66 38.81 -17.22
CA PRO C 371 -11.10 38.53 -17.10
C PRO C 371 -11.71 39.16 -15.84
N LEU C 372 -10.86 39.55 -14.90
CA LEU C 372 -11.30 40.13 -13.64
C LEU C 372 -11.28 41.66 -13.66
N GLN C 373 -10.98 42.27 -14.81
CA GLN C 373 -10.98 43.71 -14.89
C GLN C 373 -12.40 44.27 -14.86
N GLN C 374 -12.51 45.51 -14.40
CA GLN C 374 -13.80 46.20 -14.29
C GLN C 374 -13.98 47.11 -15.50
N THR C 375 -14.95 46.77 -16.35
CA THR C 375 -15.17 47.52 -17.58
C THR C 375 -15.87 48.84 -17.32
N GLY C 376 -16.74 48.88 -16.30
CA GLY C 376 -17.55 50.07 -16.05
C GLY C 376 -18.89 50.09 -16.75
N GLN C 377 -19.16 49.12 -17.61
CA GLN C 377 -20.42 49.02 -18.33
C GLN C 377 -21.34 48.03 -17.64
N LEU C 378 -22.64 48.34 -17.63
CA LEU C 378 -23.62 47.43 -17.04
C LEU C 378 -23.60 46.10 -17.77
N PHE C 379 -23.50 45.01 -16.99
CA PHE C 379 -23.32 43.65 -17.49
C PHE C 379 -22.10 43.52 -18.39
N GLY C 380 -21.07 44.35 -18.17
CA GLY C 380 -19.88 44.30 -19.00
C GLY C 380 -19.11 43.00 -18.82
N GLY C 381 -19.00 42.52 -17.58
CA GLY C 381 -18.31 41.27 -17.34
C GLY C 381 -19.04 40.08 -17.96
N LEU C 382 -20.38 40.10 -17.92
CA LEU C 382 -21.16 39.02 -18.48
C LEU C 382 -20.95 38.89 -20.00
N VAL C 383 -20.92 40.03 -20.70
CA VAL C 383 -20.75 40.01 -22.15
C VAL C 383 -19.35 39.56 -22.52
N ARG C 384 -18.33 40.02 -21.79
CA ARG C 384 -16.96 39.64 -22.08
C ARG C 384 -16.74 38.14 -21.89
N ASP C 385 -17.35 37.57 -20.84
CA ASP C 385 -17.22 36.14 -20.60
C ASP C 385 -17.87 35.33 -21.71
N ILE C 386 -19.01 35.80 -22.23
CA ILE C 386 -19.67 35.12 -23.33
C ILE C 386 -18.82 35.14 -24.59
N ARG C 387 -18.24 36.31 -24.91
CA ARG C 387 -17.43 36.41 -26.11
C ARG C 387 -16.09 35.68 -25.96
N ARG C 388 -15.68 35.41 -24.72
CA ARG C 388 -14.39 34.74 -24.50
C ARG C 388 -14.49 33.26 -24.80
N ARG C 389 -15.60 32.61 -24.42
CA ARG C 389 -15.68 31.16 -24.45
C ARG C 389 -16.55 30.61 -25.59
N TYR C 390 -17.67 31.25 -25.90
CA TYR C 390 -18.61 30.75 -26.90
C TYR C 390 -18.03 30.60 -28.30
N PRO C 391 -17.03 31.38 -28.73
CA PRO C 391 -16.31 31.02 -29.96
C PRO C 391 -15.66 29.65 -29.91
N TYR C 392 -15.27 29.17 -28.73
CA TYR C 392 -14.69 27.84 -28.59
C TYR C 392 -15.74 26.75 -28.40
N TYR C 393 -17.02 27.04 -28.70
CA TYR C 393 -18.07 26.05 -28.47
C TYR C 393 -17.91 24.83 -29.38
N LEU C 394 -17.51 25.07 -30.64
CA LEU C 394 -17.31 23.95 -31.56
C LEU C 394 -16.16 23.06 -31.09
N SER C 395 -15.09 23.67 -30.58
CA SER C 395 -14.00 22.88 -30.01
C SER C 395 -14.43 22.16 -28.74
N ASP C 396 -15.39 22.72 -28.01
CA ASP C 396 -15.85 22.13 -26.75
C ASP C 396 -16.61 20.83 -26.96
N ILE C 397 -16.94 20.46 -28.19
CA ILE C 397 -17.56 19.18 -28.50
C ILE C 397 -16.56 18.22 -29.14
N THR C 398 -15.71 18.73 -30.04
CA THR C 398 -14.75 17.88 -30.73
C THR C 398 -13.57 17.50 -29.86
N ASP C 399 -13.25 18.29 -28.82
CA ASP C 399 -12.12 17.97 -27.95
C ASP C 399 -12.39 16.79 -27.04
N ALA C 400 -13.64 16.33 -26.94
CA ALA C 400 -13.98 15.21 -26.07
C ALA C 400 -13.79 13.85 -26.74
N PHE C 401 -13.36 13.81 -28.00
CA PHE C 401 -13.19 12.56 -28.72
C PHE C 401 -11.86 11.92 -28.30
N SER C 402 -11.86 11.37 -27.08
CA SER C 402 -10.69 10.71 -26.52
C SER C 402 -11.13 9.82 -25.35
N PRO C 403 -10.47 8.68 -25.14
CA PRO C 403 -10.85 7.81 -24.01
C PRO C 403 -10.65 8.44 -22.65
N GLN C 404 -9.76 9.43 -22.54
CA GLN C 404 -9.55 10.11 -21.27
C GLN C 404 -10.80 10.85 -20.82
N VAL C 405 -11.55 11.41 -21.76
CA VAL C 405 -12.80 12.08 -21.43
C VAL C 405 -13.82 11.09 -20.88
N LEU C 406 -13.92 9.90 -21.49
CA LEU C 406 -14.82 8.87 -21.00
C LEU C 406 -14.41 8.40 -19.60
N ALA C 407 -13.11 8.23 -19.38
CA ALA C 407 -12.63 7.84 -18.06
C ALA C 407 -12.95 8.90 -17.02
N ALA C 408 -12.78 10.18 -17.39
CA ALA C 408 -13.14 11.27 -16.48
C ALA C 408 -14.64 11.29 -16.21
N VAL C 409 -15.45 10.97 -17.22
CA VAL C 409 -16.90 10.88 -17.03
C VAL C 409 -17.23 9.80 -16.00
N ILE C 410 -16.61 8.63 -16.15
CA ILE C 410 -16.86 7.54 -15.21
C ILE C 410 -16.41 7.91 -13.80
N PHE C 411 -15.26 8.59 -13.69
CA PHE C 411 -14.76 9.04 -12.39
C PHE C 411 -15.73 10.02 -11.74
N ILE C 412 -16.09 11.10 -12.46
CA ILE C 412 -16.89 12.15 -11.87
C ILE C 412 -18.34 11.71 -11.65
N TYR C 413 -18.82 10.71 -12.39
CA TYR C 413 -20.15 10.18 -12.13
C TYR C 413 -20.27 9.65 -10.71
N PHE C 414 -19.35 8.78 -10.29
CA PHE C 414 -19.37 8.31 -8.91
C PHE C 414 -18.99 9.42 -7.94
N ALA C 415 -17.99 10.24 -8.29
CA ALA C 415 -17.51 11.27 -7.37
C ALA C 415 -18.55 12.34 -7.09
N ALA C 416 -19.56 12.46 -7.95
CA ALA C 416 -20.66 13.38 -7.70
C ALA C 416 -21.92 12.67 -7.22
N LEU C 417 -22.12 11.42 -7.61
CA LEU C 417 -23.32 10.70 -7.21
C LEU C 417 -23.27 10.31 -5.74
N SER C 418 -22.14 9.77 -5.28
CA SER C 418 -22.06 9.30 -3.90
C SER C 418 -22.22 10.44 -2.88
N PRO C 419 -21.53 11.59 -3.00
CA PRO C 419 -21.84 12.70 -2.09
C PRO C 419 -23.27 13.19 -2.23
N ALA C 420 -23.83 13.15 -3.44
CA ALA C 420 -25.23 13.54 -3.64
C ALA C 420 -26.16 12.62 -2.86
N ILE C 421 -25.93 11.30 -2.94
CA ILE C 421 -26.77 10.35 -2.23
C ILE C 421 -26.63 10.54 -0.72
N THR C 422 -25.40 10.71 -0.24
CA THR C 422 -25.19 10.88 1.20
C THR C 422 -25.84 12.16 1.71
N PHE C 423 -25.66 13.27 0.99
CA PHE C 423 -26.23 14.53 1.43
C PHE C 423 -27.75 14.52 1.31
N GLY C 424 -28.30 13.85 0.30
CA GLY C 424 -29.74 13.72 0.20
C GLY C 424 -30.32 12.91 1.35
N GLY C 425 -29.65 11.82 1.72
CA GLY C 425 -30.10 11.05 2.87
C GLY C 425 -30.05 11.84 4.16
N LEU C 426 -28.95 12.57 4.37
CA LEU C 426 -28.84 13.39 5.57
C LEU C 426 -29.89 14.50 5.59
N LEU C 427 -30.15 15.12 4.43
CA LEU C 427 -31.15 16.18 4.34
C LEU C 427 -32.54 15.63 4.60
N GLY C 428 -32.85 14.44 4.08
CA GLY C 428 -34.14 13.83 4.35
C GLY C 428 -34.30 13.46 5.81
N GLU C 429 -33.23 12.99 6.46
CA GLU C 429 -33.30 12.70 7.89
C GLU C 429 -33.50 13.96 8.72
N LYS C 430 -32.81 15.05 8.35
CA LYS C 430 -32.81 16.26 9.16
C LYS C 430 -33.94 17.22 8.82
N THR C 431 -34.68 16.99 7.74
CA THR C 431 -35.78 17.87 7.35
C THR C 431 -37.11 17.13 7.19
N ARG C 432 -37.23 15.93 7.78
CA ARG C 432 -38.43 15.10 7.67
C ARG C 432 -38.82 14.84 6.21
N ASN C 433 -37.83 14.57 5.37
CA ASN C 433 -38.00 14.17 3.98
C ASN C 433 -38.66 15.24 3.11
N GLN C 434 -38.69 16.50 3.58
CA GLN C 434 -39.19 17.57 2.72
C GLN C 434 -38.29 17.76 1.51
N MET C 435 -36.97 17.69 1.71
CA MET C 435 -36.01 17.58 0.62
C MET C 435 -35.15 16.36 0.88
N GLY C 436 -34.99 15.51 -0.13
CA GLY C 436 -34.29 14.26 0.06
C GLY C 436 -33.36 13.88 -1.08
N VAL C 437 -33.20 12.57 -1.28
CA VAL C 437 -32.25 12.08 -2.27
C VAL C 437 -32.74 12.39 -3.68
N SER C 438 -34.03 12.15 -3.95
CA SER C 438 -34.55 12.30 -5.30
C SER C 438 -34.52 13.75 -5.76
N GLU C 439 -34.94 14.68 -4.90
CA GLU C 439 -34.92 16.09 -5.25
C GLU C 439 -33.50 16.57 -5.51
N LEU C 440 -32.57 16.16 -4.65
CA LEU C 440 -31.17 16.55 -4.81
C LEU C 440 -30.59 16.00 -6.10
N LEU C 441 -30.90 14.74 -6.44
CA LEU C 441 -30.40 14.15 -7.67
C LEU C 441 -30.96 14.86 -8.90
N ILE C 442 -32.26 15.17 -8.88
CA ILE C 442 -32.87 15.84 -10.03
C ILE C 442 -32.31 17.25 -10.18
N SER C 443 -32.15 17.97 -9.07
CA SER C 443 -31.56 19.31 -9.12
C SER C 443 -30.13 19.26 -9.63
N THR C 444 -29.35 18.27 -9.17
CA THR C 444 -27.98 18.12 -9.63
C THR C 444 -27.94 17.86 -11.13
N ALA C 445 -28.81 16.97 -11.62
CA ALA C 445 -28.84 16.68 -13.05
C ALA C 445 -29.19 17.90 -13.86
N VAL C 446 -30.25 18.61 -13.48
CA VAL C 446 -30.70 19.76 -14.26
C VAL C 446 -29.65 20.88 -14.24
N GLN C 447 -29.12 21.20 -13.06
CA GLN C 447 -28.14 22.27 -12.97
C GLN C 447 -26.85 21.90 -13.68
N GLY C 448 -26.41 20.64 -13.58
CA GLY C 448 -25.22 20.22 -14.30
C GLY C 448 -25.39 20.28 -15.80
N ILE C 449 -26.55 19.87 -16.30
CA ILE C 449 -26.81 19.94 -17.75
C ILE C 449 -26.80 21.38 -18.21
N LEU C 450 -27.50 22.26 -17.49
CA LEU C 450 -27.58 23.66 -17.91
C LEU C 450 -26.24 24.37 -17.77
N PHE C 451 -25.43 23.96 -16.78
CA PHE C 451 -24.12 24.58 -16.62
C PHE C 451 -23.14 24.09 -17.67
N ALA C 452 -23.20 22.81 -18.04
CA ALA C 452 -22.34 22.29 -19.09
C ALA C 452 -22.71 22.88 -20.44
N LEU C 453 -24.00 23.09 -20.69
CA LEU C 453 -24.43 23.61 -21.98
C LEU C 453 -24.17 25.11 -22.11
N LEU C 454 -24.21 25.86 -21.00
CA LEU C 454 -24.17 27.32 -21.06
C LEU C 454 -23.04 27.96 -20.25
N GLY C 455 -22.33 27.21 -19.41
CA GLY C 455 -21.31 27.81 -18.58
C GLY C 455 -20.05 28.16 -19.35
N ALA C 456 -19.25 29.04 -18.74
CA ALA C 456 -17.99 29.46 -19.30
C ALA C 456 -16.81 28.60 -18.84
N GLN C 457 -16.96 27.88 -17.73
CA GLN C 457 -15.96 26.93 -17.26
C GLN C 457 -16.66 25.60 -17.03
N PRO C 458 -16.85 24.80 -18.08
CA PRO C 458 -17.59 23.54 -17.95
C PRO C 458 -16.90 22.50 -17.07
N LEU C 459 -15.60 22.65 -16.80
CA LEU C 459 -14.88 21.70 -15.96
C LEU C 459 -15.35 21.72 -14.51
N LEU C 460 -16.03 22.78 -14.08
CA LEU C 460 -16.58 22.81 -12.73
C LEU C 460 -17.72 21.81 -12.59
N VAL C 461 -17.78 21.16 -11.43
CA VAL C 461 -18.81 20.19 -11.11
C VAL C 461 -19.78 20.83 -10.13
N VAL C 462 -21.05 20.86 -10.48
CA VAL C 462 -22.08 21.50 -9.68
C VAL C 462 -22.76 20.44 -8.82
N GLY C 463 -22.75 20.65 -7.50
CA GLY C 463 -23.35 19.69 -6.60
C GLY C 463 -23.49 20.27 -5.21
N PHE C 464 -24.10 19.48 -4.33
CA PHE C 464 -24.34 19.88 -2.95
C PHE C 464 -23.05 19.83 -2.14
N SER C 465 -23.02 20.60 -1.06
CA SER C 465 -21.84 20.70 -0.21
C SER C 465 -22.26 20.76 1.26
N GLY C 466 -21.27 20.56 2.13
CA GLY C 466 -21.49 20.53 3.56
C GLY C 466 -22.03 21.81 4.18
N PRO C 467 -21.43 22.97 3.88
CA PRO C 467 -22.00 24.23 4.39
C PRO C 467 -23.44 24.47 3.96
N LEU C 468 -23.81 24.03 2.76
CA LEU C 468 -25.21 24.11 2.36
C LEU C 468 -26.08 23.25 3.25
N LEU C 469 -25.62 22.06 3.61
CA LEU C 469 -26.38 21.20 4.52
C LEU C 469 -26.50 21.83 5.89
N VAL C 470 -25.44 22.49 6.37
CA VAL C 470 -25.50 23.18 7.66
C VAL C 470 -26.52 24.30 7.61
N PHE C 471 -26.53 25.07 6.52
CA PHE C 471 -27.52 26.13 6.38
C PHE C 471 -28.93 25.55 6.33
N GLU C 472 -29.12 24.42 5.63
CA GLU C 472 -30.45 23.81 5.58
C GLU C 472 -30.90 23.37 6.96
N GLU C 473 -29.99 22.80 7.75
CA GLU C 473 -30.30 22.42 9.13
C GLU C 473 -30.71 23.65 9.95
N ALA C 474 -29.93 24.73 9.84
CA ALA C 474 -30.23 25.94 10.61
C ALA C 474 -31.57 26.54 10.20
N PHE C 475 -31.85 26.58 8.89
CA PHE C 475 -33.10 27.16 8.42
C PHE C 475 -34.29 26.29 8.79
N PHE C 476 -34.13 24.97 8.75
CA PHE C 476 -35.20 24.08 9.20
C PHE C 476 -35.48 24.26 10.68
N SER C 477 -34.43 24.41 11.49
CA SER C 477 -34.63 24.68 12.92
C SER C 477 -35.33 26.01 13.13
N PHE C 478 -34.94 27.04 12.37
CA PHE C 478 -35.57 28.34 12.51
C PHE C 478 -37.05 28.30 12.12
N CYS C 479 -37.38 27.59 11.04
CA CYS C 479 -38.77 27.47 10.62
C CYS C 479 -39.58 26.65 11.62
N GLU C 480 -38.98 25.60 12.18
CA GLU C 480 -39.69 24.78 13.16
C GLU C 480 -39.95 25.56 14.44
N THR C 481 -38.99 26.39 14.86
CA THR C 481 -39.16 27.17 16.09
C THR C 481 -40.29 28.19 15.94
N ASN C 482 -40.36 28.88 14.80
CA ASN C 482 -41.34 29.94 14.59
C ASN C 482 -42.60 29.45 13.90
N GLY C 483 -42.71 28.15 13.67
CA GLY C 483 -43.90 27.62 12.99
C GLY C 483 -44.03 28.08 11.56
N LEU C 484 -42.92 28.12 10.82
CA LEU C 484 -42.92 28.55 9.43
C LEU C 484 -42.74 27.35 8.51
N GLU C 485 -43.28 27.47 7.30
CA GLU C 485 -43.12 26.43 6.30
C GLU C 485 -41.71 26.50 5.72
N TYR C 486 -40.95 25.43 5.91
CA TYR C 486 -39.53 25.42 5.53
C TYR C 486 -39.35 25.53 4.02
N ILE C 487 -40.15 24.79 3.25
CA ILE C 487 -39.96 24.77 1.80
C ILE C 487 -40.38 26.09 1.17
N VAL C 488 -41.43 26.73 1.71
CA VAL C 488 -41.84 28.03 1.20
C VAL C 488 -40.82 29.10 1.57
N GLY C 489 -40.23 29.00 2.76
CA GLY C 489 -39.12 29.88 3.10
C GLY C 489 -37.95 29.71 2.17
N ARG C 490 -37.67 28.46 1.77
CA ARG C 490 -36.63 28.22 0.78
C ARG C 490 -36.99 28.84 -0.57
N VAL C 491 -38.28 28.77 -0.94
CA VAL C 491 -38.74 29.39 -2.18
C VAL C 491 -38.48 30.90 -2.15
N TRP C 492 -38.81 31.54 -1.04
CA TRP C 492 -38.60 32.98 -0.92
C TRP C 492 -37.13 33.34 -0.87
N ILE C 493 -36.30 32.49 -0.24
CA ILE C 493 -34.86 32.73 -0.25
C ILE C 493 -34.31 32.65 -1.66
N GLY C 494 -34.72 31.62 -2.41
CA GLY C 494 -34.29 31.52 -3.80
C GLY C 494 -34.78 32.67 -4.65
N PHE C 495 -35.97 33.18 -4.34
CA PHE C 495 -36.45 34.40 -5.00
C PHE C 495 -35.55 35.58 -4.69
N TRP C 496 -35.11 35.70 -3.43
CA TRP C 496 -34.16 36.76 -3.08
C TRP C 496 -32.77 36.47 -3.65
N LEU C 497 -32.46 35.20 -3.90
CA LEU C 497 -31.16 34.87 -4.48
C LEU C 497 -31.02 35.40 -5.90
N ILE C 498 -32.10 35.37 -6.68
CA ILE C 498 -32.04 35.84 -8.06
C ILE C 498 -31.81 37.34 -8.11
N LEU C 499 -32.43 38.08 -7.19
CA LEU C 499 -32.25 39.53 -7.15
C LEU C 499 -30.81 39.91 -6.85
N LEU C 500 -30.18 39.21 -5.91
CA LEU C 500 -28.83 39.58 -5.48
C LEU C 500 -27.81 39.34 -6.60
N VAL C 501 -27.92 38.22 -7.31
CA VAL C 501 -26.89 37.86 -8.29
C VAL C 501 -26.94 38.78 -9.50
N VAL C 502 -28.15 39.18 -9.92
CA VAL C 502 -28.27 40.04 -11.09
C VAL C 502 -27.64 41.40 -10.81
N LEU C 503 -27.83 41.93 -9.60
CA LEU C 503 -27.19 43.18 -9.22
C LEU C 503 -25.67 43.06 -9.23
N VAL C 504 -25.14 41.93 -8.75
CA VAL C 504 -23.70 41.73 -8.73
C VAL C 504 -23.15 41.64 -10.15
N VAL C 505 -23.85 40.90 -11.03
CA VAL C 505 -23.39 40.78 -12.42
C VAL C 505 -23.51 42.11 -13.15
N ALA C 506 -24.59 42.86 -12.88
CA ALA C 506 -24.78 44.15 -13.55
C ALA C 506 -23.68 45.15 -13.18
N PHE C 507 -23.28 45.17 -11.91
CA PHE C 507 -22.24 46.08 -11.44
C PHE C 507 -20.86 45.44 -11.47
N GLU C 508 -20.73 44.25 -12.07
CA GLU C 508 -19.46 43.53 -12.17
C GLU C 508 -18.84 43.30 -10.80
N GLY C 509 -19.66 42.82 -9.86
CA GLY C 509 -19.18 42.55 -8.51
C GLY C 509 -18.20 41.39 -8.42
N SER C 510 -18.11 40.58 -9.48
CA SER C 510 -17.17 39.47 -9.48
C SER C 510 -15.73 39.92 -9.68
N PHE C 511 -15.50 41.22 -9.93
CA PHE C 511 -14.14 41.71 -10.08
C PHE C 511 -13.39 41.71 -8.75
N LEU C 512 -14.10 41.62 -7.63
CA LEU C 512 -13.44 41.58 -6.31
C LEU C 512 -12.66 40.28 -6.10
N VAL C 513 -12.88 39.27 -6.95
CA VAL C 513 -12.16 38.02 -6.86
C VAL C 513 -10.66 38.20 -7.11
N ARG C 514 -10.28 39.25 -7.85
CA ARG C 514 -8.86 39.49 -8.14
C ARG C 514 -8.06 39.81 -6.88
N PHE C 515 -8.72 40.17 -5.78
CA PHE C 515 -8.05 40.43 -4.52
C PHE C 515 -7.78 39.16 -3.71
N ILE C 516 -8.23 38.01 -4.20
CA ILE C 516 -7.97 36.73 -3.56
C ILE C 516 -6.72 36.16 -4.21
N SER C 517 -5.59 36.26 -3.50
CA SER C 517 -4.32 35.81 -4.02
C SER C 517 -4.15 34.30 -3.80
N ARG C 518 -2.96 33.80 -4.14
CA ARG C 518 -2.66 32.38 -3.96
C ARG C 518 -2.73 31.97 -2.50
N TYR C 519 -2.51 32.93 -1.58
CA TYR C 519 -2.57 32.68 -0.14
C TYR C 519 -3.90 32.07 0.27
N THR C 520 -4.98 32.82 0.08
CA THR C 520 -6.30 32.37 0.49
C THR C 520 -6.76 31.15 -0.31
N GLN C 521 -6.45 31.12 -1.61
CA GLN C 521 -6.84 29.98 -2.45
C GLN C 521 -6.22 28.69 -1.94
N GLU C 522 -4.92 28.71 -1.68
CA GLU C 522 -4.24 27.51 -1.21
C GLU C 522 -4.64 27.14 0.21
N ILE C 523 -4.89 28.12 1.09
CA ILE C 523 -5.37 27.80 2.43
C ILE C 523 -6.73 27.10 2.35
N PHE C 524 -7.63 27.64 1.54
CA PHE C 524 -8.97 27.05 1.40
C PHE C 524 -8.89 25.66 0.79
N SER C 525 -8.05 25.48 -0.23
CA SER C 525 -7.93 24.18 -0.87
C SER C 525 -7.36 23.14 0.09
N PHE C 526 -6.32 23.50 0.85
CA PHE C 526 -5.73 22.58 1.80
C PHE C 526 -6.72 22.22 2.90
N LEU C 527 -7.45 23.22 3.42
CA LEU C 527 -8.45 22.94 4.44
C LEU C 527 -9.54 22.03 3.92
N ILE C 528 -10.01 22.27 2.69
CA ILE C 528 -11.10 21.47 2.13
C ILE C 528 -10.63 20.04 1.87
N SER C 529 -9.39 19.87 1.41
CA SER C 529 -8.86 18.53 1.21
C SER C 529 -8.71 17.78 2.53
N LEU C 530 -8.24 18.49 3.58
CA LEU C 530 -8.15 17.88 4.90
C LEU C 530 -9.53 17.47 5.42
N ILE C 531 -10.54 18.32 5.20
CA ILE C 531 -11.90 17.99 5.62
C ILE C 531 -12.40 16.76 4.87
N PHE C 532 -12.13 16.69 3.57
CA PHE C 532 -12.57 15.55 2.77
C PHE C 532 -11.93 14.26 3.26
N ILE C 533 -10.62 14.29 3.53
CA ILE C 533 -9.94 13.10 4.03
C ILE C 533 -10.45 12.72 5.41
N TYR C 534 -10.69 13.73 6.27
CA TYR C 534 -11.19 13.46 7.61
C TYR C 534 -12.57 12.82 7.57
N GLU C 535 -13.46 13.31 6.70
CA GLU C 535 -14.78 12.71 6.57
C GLU C 535 -14.70 11.31 5.99
N THR C 536 -13.80 11.09 5.03
CA THR C 536 -13.62 9.76 4.47
C THR C 536 -13.18 8.75 5.52
N PHE C 537 -12.25 9.16 6.40
CA PHE C 537 -11.84 8.26 7.47
C PHE C 537 -12.91 8.11 8.55
N SER C 538 -13.65 9.19 8.84
CA SER C 538 -14.69 9.12 9.86
C SER C 538 -15.84 8.23 9.45
N LYS C 539 -16.14 8.14 8.15
CA LYS C 539 -17.16 7.21 7.69
C LYS C 539 -16.75 5.76 7.95
N LEU C 540 -15.47 5.45 7.70
CA LEU C 540 -14.97 4.11 8.01
C LEU C 540 -14.98 3.84 9.52
N ILE C 541 -14.66 4.87 10.31
CA ILE C 541 -14.72 4.72 11.77
C ILE C 541 -16.15 4.46 12.22
N LYS C 542 -17.12 5.14 11.62
CA LYS C 542 -18.53 4.90 11.93
C LYS C 542 -18.95 3.49 11.53
N ILE C 543 -18.46 3.02 10.39
CA ILE C 543 -18.75 1.65 9.97
C ILE C 543 -18.20 0.65 10.98
N PHE C 544 -16.98 0.89 11.46
CA PHE C 544 -16.40 0.03 12.48
C PHE C 544 -17.19 0.08 13.78
N GLN C 545 -17.67 1.26 14.16
CA GLN C 545 -18.45 1.40 15.38
C GLN C 545 -19.79 0.67 15.27
N ASP C 546 -20.41 0.71 14.09
CA ASP C 546 -21.69 0.03 13.89
C ASP C 546 -21.54 -1.48 13.95
N HIS C 547 -20.42 -2.02 13.50
CA HIS C 547 -20.15 -3.46 13.50
C HIS C 547 -18.81 -3.70 14.16
N PRO C 548 -18.74 -3.61 15.49
CA PRO C 548 -17.46 -3.76 16.19
C PRO C 548 -16.99 -5.20 16.17
N LEU C 549 -15.70 -5.37 16.46
CA LEU C 549 -15.08 -6.69 16.53
C LEU C 549 -15.42 -7.33 17.86
N GLN C 550 -16.26 -8.37 17.84
CA GLN C 550 -16.71 -9.04 19.04
C GLN C 550 -16.51 -10.54 18.91
N LYS C 551 -16.37 -11.20 20.06
CA LYS C 551 -16.18 -12.65 20.07
C LYS C 551 -17.42 -13.37 19.59
N THR C 552 -18.60 -12.89 19.96
CA THR C 552 -19.87 -13.52 19.61
C THR C 552 -20.80 -12.51 18.97
N TYR C 553 -21.64 -13.00 18.04
CA TYR C 553 -22.63 -12.18 17.36
C TYR C 553 -23.95 -12.92 17.31
N ASN C 554 -25.03 -12.15 17.20
CA ASN C 554 -26.36 -12.71 16.99
C ASN C 554 -26.53 -13.02 15.51
N TYR C 555 -26.66 -14.30 15.17
CA TYR C 555 -26.77 -14.68 13.77
C TYR C 555 -28.14 -14.38 13.19
N ASN C 556 -29.12 -14.05 14.02
CA ASN C 556 -30.48 -13.72 13.56
C ASN C 556 -30.71 -12.23 13.80
N VAL C 557 -30.32 -11.41 12.83
CA VAL C 557 -30.49 -9.97 12.89
C VAL C 557 -31.24 -9.52 11.64
N LEU C 558 -32.28 -8.71 11.84
CA LEU C 558 -33.05 -8.20 10.71
C LEU C 558 -32.20 -7.29 9.84
N MET C 559 -32.31 -7.45 8.52
CA MET C 559 -31.52 -6.69 7.57
C MET C 559 -32.28 -5.53 6.95
N VAL C 560 -33.61 -5.57 6.93
CA VAL C 560 -34.42 -4.52 6.32
C VAL C 560 -34.86 -3.52 7.39
N PRO C 561 -34.68 -2.21 7.17
CA PRO C 561 -34.03 -1.57 6.01
C PRO C 561 -32.51 -1.58 6.15
N LYS C 562 -32.00 -1.58 7.37
CA LYS C 562 -30.58 -1.67 7.68
C LYS C 562 -30.39 -2.67 8.79
N PRO C 563 -29.21 -3.27 8.89
CA PRO C 563 -28.95 -4.22 9.98
C PRO C 563 -29.06 -3.54 11.35
N GLN C 564 -29.89 -4.10 12.22
CA GLN C 564 -30.16 -3.53 13.53
C GLN C 564 -29.14 -3.96 14.58
N GLY C 565 -28.16 -4.78 14.21
CA GLY C 565 -27.17 -5.25 15.15
C GLY C 565 -25.82 -5.47 14.48
N PRO C 566 -24.78 -5.64 15.28
CA PRO C 566 -23.44 -5.90 14.72
C PRO C 566 -23.42 -7.19 13.91
N LEU C 567 -22.65 -7.19 12.83
CA LEU C 567 -22.50 -8.35 11.97
C LEU C 567 -21.03 -8.70 11.81
N PRO C 568 -20.71 -9.99 11.70
CA PRO C 568 -19.30 -10.39 11.57
C PRO C 568 -18.74 -10.01 10.20
N ASN C 569 -17.43 -9.76 10.18
CA ASN C 569 -16.64 -9.57 8.97
C ASN C 569 -17.05 -8.35 8.15
N THR C 570 -17.91 -7.49 8.71
CA THR C 570 -18.40 -6.35 7.95
C THR C 570 -17.37 -5.22 7.91
N ALA C 571 -16.97 -4.73 9.09
CA ALA C 571 -16.06 -3.59 9.16
C ALA C 571 -14.70 -3.94 8.58
N LEU C 572 -14.21 -5.16 8.86
CA LEU C 572 -12.91 -5.57 8.34
C LEU C 572 -12.92 -5.66 6.82
N LEU C 573 -14.01 -6.20 6.25
CA LEU C 573 -14.09 -6.27 4.79
C LEU C 573 -14.23 -4.88 4.18
N SER C 574 -14.95 -3.97 4.87
CA SER C 574 -15.03 -2.59 4.38
C SER C 574 -13.66 -1.93 4.37
N LEU C 575 -12.87 -2.13 5.43
CA LEU C 575 -11.51 -1.60 5.47
C LEU C 575 -10.65 -2.21 4.37
N VAL C 576 -10.77 -3.51 4.15
CA VAL C 576 -10.00 -4.19 3.11
C VAL C 576 -10.36 -3.63 1.74
N LEU C 577 -11.66 -3.46 1.47
CA LEU C 577 -12.08 -2.93 0.17
C LEU C 577 -11.60 -1.49 -0.03
N MET C 578 -11.69 -0.66 1.01
CA MET C 578 -11.22 0.72 0.88
C MET C 578 -9.71 0.78 0.64
N ALA C 579 -8.95 0.00 1.41
CA ALA C 579 -7.50 -0.02 1.23
C ALA C 579 -7.12 -0.56 -0.14
N GLY C 580 -7.82 -1.60 -0.61
CA GLY C 580 -7.54 -2.13 -1.94
C GLY C 580 -7.86 -1.15 -3.04
N THR C 581 -8.98 -0.44 -2.92
CA THR C 581 -9.33 0.57 -3.92
C THR C 581 -8.28 1.67 -3.97
N PHE C 582 -7.87 2.17 -2.80
CA PHE C 582 -6.86 3.22 -2.75
C PHE C 582 -5.53 2.73 -3.32
N PHE C 583 -5.13 1.50 -2.95
CA PHE C 583 -3.87 0.94 -3.43
C PHE C 583 -3.87 0.76 -4.94
N PHE C 584 -4.97 0.22 -5.49
CA PHE C 584 -5.05 0.03 -6.93
C PHE C 584 -5.07 1.36 -7.67
N ALA C 585 -5.78 2.36 -7.14
CA ALA C 585 -5.80 3.67 -7.77
C ALA C 585 -4.41 4.30 -7.80
N MET C 586 -3.70 4.24 -6.67
CA MET C 586 -2.36 4.81 -6.60
C MET C 586 -1.39 4.05 -7.50
N MET C 587 -1.49 2.73 -7.55
CA MET C 587 -0.60 1.94 -8.39
C MET C 587 -0.85 2.21 -9.86
N LEU C 588 -2.11 2.37 -10.26
CA LEU C 588 -2.40 2.68 -11.66
C LEU C 588 -1.98 4.10 -12.02
N ARG C 589 -2.10 5.03 -11.06
CA ARG C 589 -1.60 6.38 -11.29
C ARG C 589 -0.09 6.38 -11.48
N LYS C 590 0.63 5.57 -10.68
CA LYS C 590 2.07 5.42 -10.90
C LYS C 590 2.36 4.75 -12.23
N PHE C 591 1.53 3.77 -12.62
CA PHE C 591 1.72 3.08 -13.88
C PHE C 591 1.53 4.02 -15.07
N LYS C 592 0.69 5.05 -14.91
CA LYS C 592 0.56 6.06 -15.96
C LYS C 592 1.89 6.75 -16.21
N ASN C 593 2.61 7.11 -15.14
CA ASN C 593 3.88 7.81 -15.30
C ASN C 593 5.03 6.82 -15.44
N SER C 594 4.76 5.52 -15.30
CA SER C 594 5.81 4.52 -15.36
C SER C 594 6.33 4.35 -16.77
N SER C 595 7.43 3.61 -16.89
CA SER C 595 8.07 3.33 -18.17
C SER C 595 7.69 1.96 -18.73
N TYR C 596 6.69 1.29 -18.15
CA TYR C 596 6.28 -0.04 -18.59
C TYR C 596 5.20 0.06 -19.66
N PHE C 597 5.12 -1.00 -20.49
CA PHE C 597 4.13 -1.19 -21.56
C PHE C 597 4.31 -0.18 -22.69
N PRO C 598 3.72 -0.42 -23.86
CA PRO C 598 3.71 0.62 -24.89
C PRO C 598 3.01 1.87 -24.41
N GLY C 599 3.49 3.02 -24.88
CA GLY C 599 3.04 4.30 -24.35
C GLY C 599 1.56 4.55 -24.51
N LYS C 600 1.02 4.21 -25.69
CA LYS C 600 -0.41 4.41 -25.93
C LYS C 600 -1.26 3.57 -24.99
N LEU C 601 -0.97 2.27 -24.91
CA LEU C 601 -1.71 1.39 -24.01
C LEU C 601 -1.49 1.76 -22.55
N ARG C 602 -0.25 2.17 -22.21
CA ARG C 602 0.03 2.61 -20.84
C ARG C 602 -0.81 3.81 -20.46
N ARG C 603 -0.91 4.80 -21.34
CA ARG C 603 -1.70 5.99 -21.02
C ARG C 603 -3.19 5.68 -21.01
N VAL C 604 -3.63 4.77 -21.88
CA VAL C 604 -5.03 4.35 -21.87
C VAL C 604 -5.39 3.68 -20.56
N ILE C 605 -4.52 2.79 -20.07
CA ILE C 605 -4.76 2.12 -18.80
C ILE C 605 -4.70 3.13 -17.65
N GLY C 606 -3.75 4.05 -17.69
CA GLY C 606 -3.62 5.04 -16.63
C GLY C 606 -4.80 5.98 -16.54
N ASP C 607 -5.37 6.36 -17.69
CA ASP C 607 -6.56 7.20 -17.68
C ASP C 607 -7.74 6.48 -17.04
N PHE C 608 -7.92 5.20 -17.34
CA PHE C 608 -9.00 4.39 -16.78
C PHE C 608 -8.60 3.72 -15.47
N GLY C 609 -7.65 4.29 -14.75
CA GLY C 609 -7.20 3.65 -13.52
C GLY C 609 -8.28 3.58 -12.45
N VAL C 610 -8.99 4.69 -12.24
CA VAL C 610 -10.09 4.69 -11.28
C VAL C 610 -11.23 3.75 -11.69
N PRO C 611 -11.72 3.77 -12.93
CA PRO C 611 -12.75 2.76 -13.30
C PRO C 611 -12.26 1.33 -13.16
N ILE C 612 -10.99 1.05 -13.49
CA ILE C 612 -10.47 -0.30 -13.36
C ILE C 612 -10.43 -0.73 -11.90
N SER C 613 -9.97 0.16 -11.01
CA SER C 613 -9.93 -0.15 -9.59
C SER C 613 -11.33 -0.36 -9.04
N ILE C 614 -12.29 0.50 -9.44
CA ILE C 614 -13.66 0.36 -8.98
C ILE C 614 -14.25 -0.97 -9.43
N LEU C 615 -14.03 -1.32 -10.70
CA LEU C 615 -14.55 -2.58 -11.23
C LEU C 615 -13.93 -3.78 -10.50
N ILE C 616 -12.62 -3.74 -10.26
CA ILE C 616 -11.95 -4.86 -9.60
C ILE C 616 -12.47 -5.05 -8.18
N MET C 617 -12.58 -3.96 -7.42
CA MET C 617 -13.04 -4.09 -6.05
C MET C 617 -14.52 -4.44 -5.97
N VAL C 618 -15.33 -3.93 -6.91
CA VAL C 618 -16.75 -4.28 -6.95
C VAL C 618 -16.91 -5.78 -7.25
N LEU C 619 -16.11 -6.30 -8.19
CA LEU C 619 -16.16 -7.74 -8.48
C LEU C 619 -15.70 -8.56 -7.28
N VAL C 620 -14.66 -8.08 -6.58
CA VAL C 620 -14.16 -8.80 -5.40
C VAL C 620 -15.25 -8.88 -4.34
N ASP C 621 -15.95 -7.77 -4.09
CA ASP C 621 -17.04 -7.79 -3.13
C ASP C 621 -18.21 -8.63 -3.64
N PHE C 622 -18.43 -8.63 -4.96
CA PHE C 622 -19.53 -9.39 -5.54
C PHE C 622 -19.33 -10.89 -5.37
N PHE C 623 -18.09 -11.36 -5.49
CA PHE C 623 -17.81 -12.77 -5.32
C PHE C 623 -17.81 -13.22 -3.86
N ILE C 624 -17.96 -12.29 -2.92
CA ILE C 624 -18.14 -12.63 -1.51
C ILE C 624 -19.62 -12.47 -1.15
N GLN C 625 -20.38 -13.56 -1.29
CA GLN C 625 -21.83 -13.48 -1.10
C GLN C 625 -22.21 -13.39 0.38
N ASP C 626 -21.55 -14.17 1.24
CA ASP C 626 -21.99 -14.30 2.62
C ASP C 626 -21.85 -13.00 3.41
N THR C 627 -20.73 -12.30 3.25
CA THR C 627 -20.47 -11.10 4.02
C THR C 627 -21.31 -9.93 3.52
N TYR C 628 -21.81 -9.13 4.45
CA TYR C 628 -22.63 -7.97 4.12
C TYR C 628 -21.77 -6.70 4.09
N THR C 629 -21.94 -5.93 3.03
CA THR C 629 -21.31 -4.62 2.89
C THR C 629 -22.35 -3.61 2.44
N GLN C 630 -22.28 -2.41 3.00
CA GLN C 630 -23.24 -1.36 2.65
C GLN C 630 -23.07 -0.93 1.21
N LYS C 631 -24.19 -0.83 0.49
CA LYS C 631 -24.20 -0.53 -0.93
C LYS C 631 -24.83 0.84 -1.18
N LEU C 632 -24.75 1.27 -2.44
CA LEU C 632 -25.43 2.49 -2.85
C LEU C 632 -26.93 2.29 -2.86
N SER C 633 -27.66 3.29 -2.37
CA SER C 633 -29.12 3.23 -2.29
C SER C 633 -29.68 4.44 -3.02
N VAL C 634 -30.57 4.20 -3.98
CA VAL C 634 -31.22 5.26 -4.74
C VAL C 634 -32.74 5.10 -4.59
N PRO C 635 -33.53 6.16 -4.75
CA PRO C 635 -34.98 6.01 -4.67
C PRO C 635 -35.53 5.15 -5.81
N ASP C 636 -36.71 4.59 -5.55
CA ASP C 636 -37.32 3.67 -6.52
C ASP C 636 -37.67 4.39 -7.81
N GLY C 637 -38.18 5.61 -7.72
CA GLY C 637 -38.59 6.35 -8.91
C GLY C 637 -38.47 7.85 -8.79
N PHE C 638 -38.78 8.56 -9.88
CA PHE C 638 -38.71 10.01 -9.91
C PHE C 638 -39.96 10.58 -9.24
N LYS C 639 -39.94 10.57 -7.91
CA LYS C 639 -41.04 11.08 -7.11
C LYS C 639 -40.48 11.85 -5.92
N VAL C 640 -41.32 12.72 -5.35
CA VAL C 640 -40.89 13.51 -4.20
C VAL C 640 -40.63 12.59 -3.01
N SER C 641 -39.73 13.04 -2.12
CA SER C 641 -39.34 12.22 -0.98
C SER C 641 -40.50 12.06 0.00
N ASN C 642 -41.29 13.10 0.19
CA ASN C 642 -42.46 13.07 1.09
C ASN C 642 -43.66 13.56 0.29
N SER C 643 -44.51 12.62 -0.14
CA SER C 643 -45.70 12.96 -0.90
C SER C 643 -46.76 13.63 -0.01
N SER C 644 -46.65 13.48 1.31
CA SER C 644 -47.62 14.11 2.20
C SER C 644 -47.20 15.52 2.60
N ALA C 645 -45.97 15.93 2.26
CA ALA C 645 -45.49 17.25 2.67
C ALA C 645 -45.64 18.27 1.55
N ARG C 646 -45.13 17.96 0.35
CA ARG C 646 -45.14 18.92 -0.75
C ARG C 646 -45.12 18.18 -2.07
N GLY C 647 -45.45 18.90 -3.13
CA GLY C 647 -45.39 18.38 -4.48
C GLY C 647 -44.16 18.85 -5.23
N TRP C 648 -44.24 18.78 -6.56
CA TRP C 648 -43.13 19.25 -7.39
C TRP C 648 -43.05 20.77 -7.45
N VAL C 649 -44.19 21.45 -7.40
CA VAL C 649 -44.25 22.90 -7.40
C VAL C 649 -44.81 23.36 -6.05
N ILE C 650 -44.06 24.22 -5.37
CA ILE C 650 -44.42 24.72 -4.06
C ILE C 650 -44.94 26.14 -4.20
N HIS C 651 -46.13 26.40 -3.67
CA HIS C 651 -46.75 27.71 -3.79
C HIS C 651 -46.02 28.71 -2.93
N PRO C 652 -45.55 29.84 -3.47
CA PRO C 652 -44.87 30.84 -2.65
C PRO C 652 -45.76 31.47 -1.58
N LEU C 653 -47.08 31.39 -1.73
CA LEU C 653 -48.00 31.94 -0.74
C LEU C 653 -48.27 30.96 0.41
N GLY C 654 -47.84 29.71 0.30
CA GLY C 654 -48.02 28.74 1.36
C GLY C 654 -48.74 27.50 0.89
N LEU C 655 -48.37 26.37 1.49
CA LEU C 655 -48.98 25.08 1.16
C LEU C 655 -50.13 24.74 2.11
N ARG C 656 -49.85 24.67 3.40
CA ARG C 656 -50.87 24.39 4.41
C ARG C 656 -51.41 25.66 5.06
N SER C 657 -50.54 26.56 5.49
CA SER C 657 -50.94 27.81 6.11
C SER C 657 -50.47 28.98 5.26
N GLU C 658 -51.18 30.11 5.38
CA GLU C 658 -50.80 31.31 4.65
C GLU C 658 -49.43 31.80 5.11
N PHE C 659 -48.57 32.11 4.14
CA PHE C 659 -47.21 32.52 4.46
C PHE C 659 -47.21 33.95 4.99
N PRO C 660 -46.50 34.22 6.10
CA PRO C 660 -46.49 35.57 6.65
C PRO C 660 -45.81 36.56 5.72
N ILE C 661 -46.26 37.82 5.80
CA ILE C 661 -45.70 38.87 4.95
C ILE C 661 -44.29 39.22 5.39
N TRP C 662 -44.05 39.24 6.71
CA TRP C 662 -42.75 39.70 7.22
C TRP C 662 -41.62 38.76 6.83
N MET C 663 -41.88 37.46 6.77
CA MET C 663 -40.84 36.51 6.39
C MET C 663 -40.44 36.63 4.92
N MET C 664 -41.33 37.18 4.08
CA MET C 664 -40.99 37.40 2.69
C MET C 664 -39.87 38.41 2.54
N PHE C 665 -39.87 39.47 3.35
CA PHE C 665 -38.81 40.46 3.30
C PHE C 665 -37.62 40.04 4.17
N ALA C 666 -37.87 39.26 5.22
CA ALA C 666 -36.81 38.83 6.12
C ALA C 666 -35.95 37.71 5.55
N SER C 667 -36.35 37.12 4.42
CA SER C 667 -35.58 36.03 3.81
C SER C 667 -34.29 36.52 3.15
N ALA C 668 -34.07 37.83 3.05
CA ALA C 668 -32.90 38.35 2.37
C ALA C 668 -31.61 38.00 3.10
N LEU C 669 -31.62 38.10 4.44
CA LEU C 669 -30.39 37.80 5.20
C LEU C 669 -29.95 36.35 5.05
N PRO C 670 -30.82 35.33 5.19
CA PRO C 670 -30.38 33.98 4.83
C PRO C 670 -30.00 33.85 3.37
N ALA C 671 -30.69 34.58 2.48
CA ALA C 671 -30.29 34.61 1.08
C ALA C 671 -28.93 35.25 0.92
N LEU C 672 -28.65 36.29 1.71
CA LEU C 672 -27.32 36.90 1.67
C LEU C 672 -26.25 35.92 2.11
N LEU C 673 -26.51 35.15 3.16
CA LEU C 673 -25.55 34.15 3.62
C LEU C 673 -25.33 33.06 2.58
N VAL C 674 -26.42 32.60 1.95
CA VAL C 674 -26.31 31.59 0.89
C VAL C 674 -25.50 32.14 -0.28
N PHE C 675 -25.77 33.39 -0.66
CA PHE C 675 -25.03 34.00 -1.76
C PHE C 675 -23.55 34.13 -1.43
N ILE C 676 -23.23 34.50 -0.20
CA ILE C 676 -21.82 34.61 0.21
C ILE C 676 -21.14 33.24 0.14
N LEU C 677 -21.80 32.20 0.66
CA LEU C 677 -21.24 30.86 0.64
C LEU C 677 -21.00 30.38 -0.79
N ILE C 678 -22.03 30.48 -1.63
CA ILE C 678 -21.93 29.98 -3.01
C ILE C 678 -20.91 30.79 -3.79
N PHE C 679 -20.90 32.12 -3.59
CA PHE C 679 -19.95 32.98 -4.29
C PHE C 679 -18.51 32.61 -3.93
N LEU C 680 -18.21 32.51 -2.64
CA LEU C 680 -16.85 32.17 -2.23
C LEU C 680 -16.45 30.80 -2.76
N GLU C 681 -17.31 29.80 -2.59
CA GLU C 681 -16.98 28.45 -3.02
C GLU C 681 -16.72 28.41 -4.53
N SER C 682 -17.66 28.91 -5.32
CA SER C 682 -17.55 28.83 -6.78
C SER C 682 -16.38 29.66 -7.30
N GLN C 683 -16.19 30.88 -6.79
CA GLN C 683 -15.13 31.72 -7.31
C GLN C 683 -13.75 31.22 -6.92
N ILE C 684 -13.58 30.71 -5.69
CA ILE C 684 -12.28 30.16 -5.31
C ILE C 684 -12.01 28.87 -6.09
N THR C 685 -13.04 28.06 -6.31
CA THR C 685 -12.86 26.86 -7.14
C THR C 685 -12.46 27.23 -8.57
N THR C 686 -13.08 28.27 -9.12
CA THR C 686 -12.73 28.73 -10.46
C THR C 686 -11.30 29.26 -10.50
N LEU C 687 -10.88 29.97 -9.45
CA LEU C 687 -9.50 30.43 -9.37
C LEU C 687 -8.54 29.25 -9.35
N ILE C 688 -8.87 28.21 -8.59
CA ILE C 688 -7.98 27.05 -8.47
C ILE C 688 -7.88 26.31 -9.80
N VAL C 689 -9.02 26.09 -10.46
CA VAL C 689 -9.01 25.29 -11.69
C VAL C 689 -8.52 26.07 -12.89
N SER C 690 -8.47 27.40 -12.81
CA SER C 690 -8.05 28.23 -13.93
C SER C 690 -6.72 28.93 -13.68
N LYS C 691 -5.83 28.32 -12.91
CA LYS C 691 -4.52 28.90 -12.69
C LYS C 691 -3.72 28.87 -14.00
N PRO C 692 -2.87 29.86 -14.26
CA PRO C 692 -2.06 29.82 -15.49
C PRO C 692 -1.11 28.64 -15.55
N GLU C 693 -0.64 28.16 -14.40
CA GLU C 693 0.27 27.04 -14.36
C GLU C 693 -0.39 25.71 -14.71
N ARG C 694 -1.73 25.66 -14.76
CA ARG C 694 -2.45 24.44 -15.12
C ARG C 694 -2.70 24.32 -16.62
N LYS C 695 -2.18 25.25 -17.42
CA LYS C 695 -2.29 25.22 -18.89
C LYS C 695 -3.76 25.27 -19.33
N MET C 696 -4.49 26.26 -18.81
CA MET C 696 -5.85 26.52 -19.24
C MET C 696 -5.81 27.57 -20.35
N VAL C 697 -6.01 27.14 -21.60
CA VAL C 697 -5.80 28.00 -22.74
C VAL C 697 -7.13 28.28 -23.44
N LYS C 698 -8.23 28.24 -22.69
CA LYS C 698 -9.54 28.53 -23.23
C LYS C 698 -10.28 29.64 -22.49
N GLY C 699 -9.83 30.01 -21.29
CA GLY C 699 -10.44 31.10 -20.56
C GLY C 699 -11.59 30.64 -19.68
N SER C 700 -11.85 31.43 -18.64
CA SER C 700 -12.93 31.17 -17.70
C SER C 700 -13.73 32.44 -17.48
N GLY C 701 -15.03 32.26 -17.26
CA GLY C 701 -15.90 33.39 -16.99
C GLY C 701 -16.41 33.41 -15.57
N PHE C 702 -15.93 34.36 -14.77
CA PHE C 702 -16.35 34.44 -13.37
C PHE C 702 -17.77 34.97 -13.24
N HIS C 703 -18.14 35.92 -14.09
CA HIS C 703 -19.47 36.53 -13.99
C HIS C 703 -20.55 35.57 -14.49
N LEU C 704 -20.30 34.91 -15.62
CA LEU C 704 -21.32 34.05 -16.23
C LEU C 704 -21.59 32.82 -15.37
N ASP C 705 -20.53 32.18 -14.86
CA ASP C 705 -20.71 30.95 -14.08
C ASP C 705 -21.45 31.23 -12.77
N LEU C 706 -21.08 32.31 -12.08
CA LEU C 706 -21.77 32.68 -10.85
C LEU C 706 -23.23 33.00 -11.11
N LEU C 707 -23.49 33.74 -12.18
CA LEU C 707 -24.87 34.09 -12.54
C LEU C 707 -25.69 32.83 -12.80
N LEU C 708 -25.14 31.90 -13.59
CA LEU C 708 -25.85 30.67 -13.90
C LEU C 708 -26.10 29.84 -12.65
N VAL C 709 -25.09 29.72 -11.78
CA VAL C 709 -25.23 28.88 -10.59
C VAL C 709 -26.31 29.45 -9.65
N VAL C 710 -26.23 30.76 -9.36
CA VAL C 710 -27.19 31.33 -8.43
C VAL C 710 -28.58 31.38 -9.03
N GLY C 711 -28.69 31.65 -10.34
CA GLY C 711 -30.00 31.62 -10.97
C GLY C 711 -30.63 30.24 -10.99
N MET C 712 -29.84 29.21 -11.29
CA MET C 712 -30.35 27.85 -11.25
C MET C 712 -30.74 27.45 -9.83
N GLY C 713 -29.98 27.89 -8.83
CA GLY C 713 -30.36 27.63 -7.45
C GLY C 713 -31.68 28.30 -7.08
N GLY C 714 -31.85 29.56 -7.49
CA GLY C 714 -33.11 30.24 -7.22
C GLY C 714 -34.29 29.60 -7.91
N VAL C 715 -34.10 29.17 -9.15
CA VAL C 715 -35.17 28.50 -9.89
C VAL C 715 -35.51 27.15 -9.25
N ALA C 716 -34.48 26.38 -8.87
CA ALA C 716 -34.72 25.09 -8.25
C ALA C 716 -35.33 25.23 -6.86
N ALA C 717 -35.14 26.38 -6.21
CA ALA C 717 -35.81 26.64 -4.94
C ALA C 717 -37.32 26.65 -5.12
N LEU C 718 -37.80 27.20 -6.24
CA LEU C 718 -39.23 27.22 -6.53
C LEU C 718 -39.81 25.82 -6.67
N PHE C 719 -39.03 24.85 -7.15
CA PHE C 719 -39.50 23.48 -7.34
C PHE C 719 -39.21 22.61 -6.12
N GLY C 720 -38.83 23.21 -5.00
CA GLY C 720 -38.48 22.45 -3.82
C GLY C 720 -37.24 21.60 -3.97
N MET C 721 -36.24 22.09 -4.69
CA MET C 721 -35.00 21.38 -4.89
C MET C 721 -33.83 22.17 -4.30
N PRO C 722 -32.83 21.51 -3.76
CA PRO C 722 -31.71 22.23 -3.13
C PRO C 722 -30.89 22.99 -4.15
N TRP C 723 -30.37 24.15 -3.73
CA TRP C 723 -29.41 24.89 -4.54
C TRP C 723 -28.02 24.30 -4.38
N LEU C 724 -27.18 24.49 -5.39
CA LEU C 724 -25.88 23.87 -5.45
C LEU C 724 -24.80 24.93 -5.57
N SER C 725 -23.55 24.45 -5.55
CA SER C 725 -22.38 25.31 -5.71
C SER C 725 -21.27 24.51 -6.37
N ALA C 726 -20.31 25.21 -6.95
CA ALA C 726 -19.16 24.56 -7.57
C ALA C 726 -18.22 24.05 -6.49
N THR C 727 -18.28 22.75 -6.21
CA THR C 727 -17.50 22.15 -5.15
C THR C 727 -16.03 22.05 -5.54
N THR C 728 -15.16 22.29 -4.56
CA THR C 728 -13.73 22.35 -4.84
C THR C 728 -13.17 20.98 -5.22
N VAL C 729 -13.47 19.96 -4.41
CA VAL C 729 -12.85 18.64 -4.61
C VAL C 729 -13.27 18.03 -5.93
N ARG C 730 -14.58 18.05 -6.23
CA ARG C 730 -15.08 17.43 -7.46
C ARG C 730 -14.55 18.14 -8.69
N SER C 731 -14.54 19.48 -8.68
CA SER C 731 -14.06 20.22 -9.84
C SER C 731 -12.56 20.05 -10.03
N VAL C 732 -11.79 20.04 -8.93
CA VAL C 732 -10.35 19.82 -9.04
C VAL C 732 -10.06 18.43 -9.57
N THR C 733 -10.79 17.42 -9.10
CA THR C 733 -10.61 16.06 -9.61
C THR C 733 -10.99 15.97 -11.09
N HIS C 734 -12.05 16.67 -11.49
CA HIS C 734 -12.46 16.69 -12.89
C HIS C 734 -11.39 17.33 -13.76
N ALA C 735 -10.81 18.43 -13.29
CA ALA C 735 -9.73 19.08 -14.04
C ALA C 735 -8.50 18.19 -14.13
N ASN C 736 -8.15 17.52 -13.03
CA ASN C 736 -6.98 16.65 -13.03
C ASN C 736 -7.19 15.42 -13.91
N ALA C 737 -8.41 14.89 -13.93
CA ALA C 737 -8.70 13.73 -14.78
C ALA C 737 -8.64 14.08 -16.27
N LEU C 738 -8.87 15.34 -16.63
CA LEU C 738 -8.76 15.80 -18.00
C LEU C 738 -7.39 16.38 -18.32
N THR C 739 -6.47 16.39 -17.36
CA THR C 739 -5.15 16.96 -17.55
C THR C 739 -4.23 15.95 -18.24
N VAL C 740 -3.57 16.39 -19.30
CA VAL C 740 -2.62 15.57 -20.02
C VAL C 740 -1.21 15.98 -19.59
N MET C 741 -0.42 15.00 -19.15
CA MET C 741 0.91 15.25 -18.63
C MET C 741 1.95 14.99 -19.72
N GLY C 742 2.84 15.95 -19.93
CA GLY C 742 3.88 15.81 -20.91
C GLY C 742 5.08 15.05 -20.37
N LYS C 743 6.08 14.90 -21.23
CA LYS C 743 7.30 14.20 -20.87
C LYS C 743 8.16 15.05 -19.92
N ALA C 751 5.26 15.01 -14.98
CA ALA C 751 6.30 16.01 -14.74
C ALA C 751 5.82 17.41 -15.06
N GLN C 752 5.59 17.67 -16.35
CA GLN C 752 5.14 18.97 -16.82
C GLN C 752 3.75 18.83 -17.44
N ILE C 753 2.84 19.73 -17.06
CA ILE C 753 1.50 19.73 -17.62
C ILE C 753 1.54 20.23 -19.05
N GLN C 754 0.95 19.47 -19.97
CA GLN C 754 0.98 19.80 -21.40
C GLN C 754 -0.28 20.51 -21.85
N GLU C 755 -1.45 19.91 -21.62
CA GLU C 755 -2.71 20.52 -22.01
C GLU C 755 -3.83 19.94 -21.15
N VAL C 756 -5.01 20.55 -21.24
CA VAL C 756 -6.20 20.11 -20.51
C VAL C 756 -7.32 19.88 -21.50
N LYS C 757 -7.98 18.73 -21.39
CA LYS C 757 -9.09 18.38 -22.30
C LYS C 757 -10.32 19.18 -21.88
N GLU C 758 -10.32 20.46 -22.26
CA GLU C 758 -11.42 21.35 -21.95
C GLU C 758 -12.57 21.13 -22.93
N GLN C 759 -13.69 20.61 -22.42
CA GLN C 759 -14.84 20.30 -23.27
C GLN C 759 -16.08 20.26 -22.38
N ARG C 760 -17.24 20.45 -23.00
CA ARG C 760 -18.52 20.46 -22.31
C ARG C 760 -19.18 19.08 -22.22
N ILE C 761 -18.67 18.10 -22.97
CA ILE C 761 -19.34 16.79 -23.03
C ILE C 761 -19.23 16.07 -21.70
N SER C 762 -18.10 16.23 -21.00
CA SER C 762 -17.87 15.47 -19.77
C SER C 762 -18.86 15.83 -18.69
N GLY C 763 -19.02 17.13 -18.41
CA GLY C 763 -19.96 17.55 -17.38
C GLY C 763 -21.40 17.23 -17.75
N LEU C 764 -21.75 17.38 -19.03
CA LEU C 764 -23.09 17.06 -19.49
C LEU C 764 -23.38 15.58 -19.29
N LEU C 765 -22.44 14.71 -19.64
CA LEU C 765 -22.62 13.28 -19.47
C LEU C 765 -22.69 12.90 -17.99
N VAL C 766 -21.90 13.57 -17.15
CA VAL C 766 -21.94 13.32 -15.71
C VAL C 766 -23.31 13.67 -15.16
N ALA C 767 -23.85 14.83 -15.56
CA ALA C 767 -25.18 15.24 -15.10
C ALA C 767 -26.26 14.30 -15.61
N VAL C 768 -26.14 13.85 -16.86
CA VAL C 768 -27.12 12.91 -17.42
C VAL C 768 -27.09 11.60 -16.67
N LEU C 769 -25.89 11.09 -16.36
CA LEU C 769 -25.79 9.83 -15.62
C LEU C 769 -26.29 9.99 -14.19
N VAL C 770 -26.07 11.15 -13.58
CA VAL C 770 -26.62 11.42 -12.25
C VAL C 770 -28.15 11.40 -12.29
N GLY C 771 -28.73 12.01 -13.32
CA GLY C 771 -30.18 11.99 -13.45
C GLY C 771 -30.72 10.59 -13.71
N LEU C 772 -29.97 9.79 -14.48
CA LEU C 772 -30.37 8.43 -14.80
C LEU C 772 -29.96 7.42 -13.74
N SER C 773 -29.33 7.87 -12.65
CA SER C 773 -28.91 6.96 -11.58
C SER C 773 -30.10 6.21 -10.99
N ILE C 774 -31.28 6.82 -10.98
CA ILE C 774 -32.47 6.13 -10.48
C ILE C 774 -32.84 4.96 -11.39
N LEU C 775 -32.71 5.16 -12.71
CA LEU C 775 -33.10 4.13 -13.66
C LEU C 775 -32.11 2.97 -13.75
N MET C 776 -30.88 3.16 -13.25
CA MET C 776 -29.87 2.11 -13.25
C MET C 776 -29.59 1.57 -11.84
N GLU C 777 -30.65 1.43 -11.05
CA GLU C 777 -30.53 0.89 -9.70
C GLU C 777 -29.88 -0.49 -9.62
N PRO C 778 -30.20 -1.47 -10.49
CA PRO C 778 -29.51 -2.77 -10.36
C PRO C 778 -28.00 -2.70 -10.50
N ILE C 779 -27.48 -1.78 -11.29
CA ILE C 779 -26.04 -1.59 -11.41
C ILE C 779 -25.47 -0.93 -10.15
N LEU C 780 -26.17 0.08 -9.63
CA LEU C 780 -25.66 0.81 -8.48
C LEU C 780 -25.84 0.03 -7.18
N SER C 781 -26.81 -0.89 -7.13
CA SER C 781 -27.09 -1.62 -5.90
C SER C 781 -25.98 -2.61 -5.55
N ARG C 782 -25.07 -2.92 -6.46
CA ARG C 782 -24.00 -3.87 -6.21
C ARG C 782 -22.65 -3.19 -6.02
N ILE C 783 -22.63 -1.89 -5.78
CA ILE C 783 -21.40 -1.13 -5.61
C ILE C 783 -21.25 -0.77 -4.14
N PRO C 784 -20.25 -1.28 -3.43
CA PRO C 784 -20.09 -0.95 -2.02
C PRO C 784 -19.62 0.48 -1.81
N LEU C 785 -19.90 1.00 -0.62
CA LEU C 785 -19.43 2.34 -0.27
C LEU C 785 -17.94 2.34 0.03
N ALA C 786 -17.37 1.19 0.43
CA ALA C 786 -15.96 1.14 0.79
C ALA C 786 -15.08 1.41 -0.42
N VAL C 787 -15.46 0.89 -1.59
CA VAL C 787 -14.76 1.22 -2.83
C VAL C 787 -14.84 2.72 -3.08
N LEU C 788 -16.03 3.30 -2.87
CA LEU C 788 -16.18 4.75 -2.99
C LEU C 788 -15.35 5.48 -1.93
N PHE C 789 -15.18 4.89 -0.75
CA PHE C 789 -14.33 5.52 0.27
C PHE C 789 -12.87 5.54 -0.17
N GLY C 790 -12.39 4.44 -0.76
CA GLY C 790 -11.06 4.44 -1.31
C GLY C 790 -10.89 5.43 -2.44
N ILE C 791 -11.92 5.57 -3.27
CA ILE C 791 -11.90 6.58 -4.33
C ILE C 791 -11.83 7.98 -3.75
N PHE C 792 -12.58 8.23 -2.66
CA PHE C 792 -12.54 9.53 -2.01
C PHE C 792 -11.17 9.82 -1.42
N LEU C 793 -10.54 8.80 -0.82
CA LEU C 793 -9.19 8.98 -0.29
C LEU C 793 -8.20 9.28 -1.41
N TYR C 794 -8.34 8.60 -2.54
CA TYR C 794 -7.48 8.87 -3.69
C TYR C 794 -7.66 10.30 -4.19
N MET C 795 -8.91 10.76 -4.26
CA MET C 795 -9.19 12.14 -4.68
C MET C 795 -8.57 13.14 -3.70
N GLY C 796 -8.70 12.86 -2.40
CA GLY C 796 -8.14 13.76 -1.41
C GLY C 796 -6.62 13.85 -1.47
N VAL C 797 -5.95 12.70 -1.65
CA VAL C 797 -4.50 12.73 -1.70
C VAL C 797 -4.00 13.32 -3.02
N THR C 798 -4.77 13.17 -4.10
CA THR C 798 -4.37 13.73 -5.38
C THR C 798 -4.73 15.20 -5.53
N SER C 799 -5.59 15.73 -4.66
CA SER C 799 -5.93 17.14 -4.73
C SER C 799 -4.86 18.05 -4.14
N LEU C 800 -3.83 17.49 -3.50
CA LEU C 800 -2.79 18.26 -2.85
C LEU C 800 -1.55 18.48 -3.71
N SER C 801 -1.58 18.02 -4.96
CA SER C 801 -0.38 18.09 -5.80
C SER C 801 -0.03 19.54 -6.16
N GLY C 802 -1.02 20.33 -6.54
CA GLY C 802 -0.80 21.67 -7.05
C GLY C 802 -0.72 22.76 -6.01
N ILE C 803 -0.77 22.43 -4.73
CA ILE C 803 -0.79 23.43 -3.66
C ILE C 803 0.64 23.66 -3.17
N GLN C 804 1.09 24.91 -3.22
CA GLN C 804 2.42 25.22 -2.70
C GLN C 804 2.46 25.20 -1.17
N LEU C 805 1.29 25.40 -0.53
CA LEU C 805 1.24 25.30 0.93
C LEU C 805 1.56 23.88 1.38
N PHE C 806 1.03 22.88 0.68
CA PHE C 806 1.35 21.49 1.01
C PHE C 806 2.83 21.20 0.80
N ASP C 807 3.41 21.74 -0.29
CA ASP C 807 4.84 21.54 -0.54
C ASP C 807 5.69 22.18 0.55
N ARG C 808 5.34 23.39 0.98
CA ARG C 808 6.12 24.06 2.01
C ARG C 808 5.92 23.43 3.38
N ILE C 809 4.77 22.78 3.62
CA ILE C 809 4.58 22.00 4.83
C ILE C 809 5.53 20.81 4.84
N LEU C 810 5.70 20.16 3.67
CA LEU C 810 6.65 19.07 3.56
C LEU C 810 8.09 19.55 3.76
N LEU C 811 8.38 20.81 3.40
CA LEU C 811 9.71 21.35 3.58
C LEU C 811 10.04 21.59 5.05
N LEU C 812 9.03 21.59 5.94
CA LEU C 812 9.30 21.69 7.36
C LEU C 812 10.01 20.45 7.91
N PHE C 813 9.89 19.32 7.22
CA PHE C 813 10.50 18.07 7.65
C PHE C 813 11.68 17.67 6.76
N LYS C 814 12.33 18.63 6.11
CA LYS C 814 13.45 18.36 5.23
C LYS C 814 14.65 19.23 5.60
N PRO C 815 15.87 18.73 5.37
CA PRO C 815 17.04 19.59 5.53
C PRO C 815 17.03 20.69 4.48
N PRO C 816 17.64 21.84 4.78
CA PRO C 816 17.64 22.95 3.81
C PRO C 816 18.30 22.61 2.48
N LYS C 817 19.28 21.70 2.47
CA LYS C 817 19.96 21.38 1.21
C LYS C 817 19.11 20.55 0.27
N TYR C 818 18.04 19.93 0.78
CA TYR C 818 17.16 19.11 -0.06
C TYR C 818 15.98 19.90 -0.63
N HIS C 819 15.90 21.19 -0.34
CA HIS C 819 14.80 22.00 -0.87
C HIS C 819 14.93 22.15 -2.38
N PRO C 820 13.83 22.09 -3.12
CA PRO C 820 13.92 22.19 -4.59
C PRO C 820 14.30 23.60 -5.04
N ASP C 821 14.78 23.68 -6.28
CA ASP C 821 15.19 24.94 -6.88
C ASP C 821 13.94 25.71 -7.29
N VAL C 822 13.40 26.46 -6.35
CA VAL C 822 12.19 27.25 -6.56
C VAL C 822 12.46 28.67 -6.10
N PRO C 823 11.74 29.66 -6.66
CA PRO C 823 12.02 31.06 -6.29
C PRO C 823 11.83 31.37 -4.82
N TYR C 824 10.93 30.68 -4.13
CA TYR C 824 10.69 30.98 -2.72
C TYR C 824 11.70 30.32 -1.78
N VAL C 825 12.63 29.54 -2.32
CA VAL C 825 13.69 28.93 -1.51
C VAL C 825 15.03 29.60 -1.76
N LYS C 826 15.39 29.82 -3.03
CA LYS C 826 16.68 30.40 -3.36
C LYS C 826 16.74 31.91 -3.14
N ARG C 827 15.59 32.57 -2.95
CA ARG C 827 15.56 34.01 -2.71
C ARG C 827 15.06 34.37 -1.33
N VAL C 828 14.59 33.40 -0.55
CA VAL C 828 14.07 33.64 0.80
C VAL C 828 14.83 32.73 1.76
N LYS C 829 15.14 33.26 2.95
CA LYS C 829 15.82 32.47 3.97
C LYS C 829 14.92 31.32 4.42
N THR C 830 15.55 30.23 4.86
CA THR C 830 14.80 29.03 5.24
C THR C 830 13.86 29.31 6.42
N TRP C 831 14.36 30.01 7.44
CA TRP C 831 13.53 30.29 8.60
C TRP C 831 12.42 31.28 8.27
N ARG C 832 12.66 32.22 7.36
CA ARG C 832 11.60 33.11 6.89
C ARG C 832 10.50 32.34 6.18
N MET C 833 10.88 31.40 5.31
CA MET C 833 9.90 30.58 4.62
C MET C 833 9.12 29.70 5.60
N HIS C 834 9.81 29.14 6.59
CA HIS C 834 9.13 28.30 7.57
C HIS C 834 8.18 29.13 8.44
N LEU C 835 8.55 30.36 8.78
CA LEU C 835 7.64 31.24 9.50
C LEU C 835 6.43 31.59 8.65
N PHE C 836 6.64 31.86 7.36
CA PHE C 836 5.53 32.15 6.45
C PHE C 836 4.59 30.96 6.36
N THR C 837 5.14 29.74 6.28
CA THR C 837 4.31 28.55 6.26
C THR C 837 3.56 28.37 7.58
N GLY C 838 4.22 28.63 8.70
CA GLY C 838 3.59 28.47 10.00
C GLY C 838 2.46 29.47 10.23
N ILE C 839 2.56 30.65 9.62
CA ILE C 839 1.45 31.61 9.70
C ILE C 839 0.20 31.04 9.04
N GLN C 840 0.37 30.36 7.90
CA GLN C 840 -0.76 29.72 7.25
C GLN C 840 -1.30 28.56 8.07
N ILE C 841 -0.42 27.86 8.80
CA ILE C 841 -0.85 26.73 9.63
C ILE C 841 -1.78 27.20 10.73
N ILE C 842 -1.49 28.36 11.32
CA ILE C 842 -2.36 28.94 12.35
C ILE C 842 -3.73 29.27 11.75
N CYS C 843 -3.73 29.80 10.51
CA CYS C 843 -4.99 30.07 9.84
C CYS C 843 -5.77 28.78 9.58
N LEU C 844 -5.06 27.71 9.20
CA LEU C 844 -5.72 26.42 8.99
C LEU C 844 -6.32 25.90 10.30
N ALA C 845 -5.59 26.04 11.40
CA ALA C 845 -6.12 25.62 12.70
C ALA C 845 -7.35 26.43 13.08
N VAL C 846 -7.32 27.75 12.86
CA VAL C 846 -8.46 28.59 13.18
C VAL C 846 -9.67 28.19 12.35
N LEU C 847 -9.47 27.95 11.05
CA LEU C 847 -10.57 27.53 10.19
C LEU C 847 -11.12 26.16 10.61
N TRP C 848 -10.23 25.25 11.04
CA TRP C 848 -10.67 23.95 11.50
C TRP C 848 -11.49 24.06 12.78
N VAL C 849 -11.11 24.98 13.68
CA VAL C 849 -11.85 25.17 14.92
C VAL C 849 -13.26 25.70 14.63
N VAL C 850 -13.37 26.64 13.69
CA VAL C 850 -14.67 27.23 13.35
C VAL C 850 -15.60 26.15 12.78
N LYS C 851 -15.05 25.22 12.00
CA LYS C 851 -15.87 24.15 11.44
C LYS C 851 -16.45 23.25 12.53
N SER C 852 -15.70 23.01 13.60
CA SER C 852 -16.11 22.12 14.68
C SER C 852 -16.94 22.84 15.75
N THR C 853 -17.56 23.95 15.40
CA THR C 853 -18.40 24.73 16.30
C THR C 853 -19.77 24.92 15.65
N PRO C 854 -20.81 25.18 16.46
CA PRO C 854 -22.13 25.46 15.87
C PRO C 854 -22.13 26.65 14.93
N ALA C 855 -21.23 27.61 15.11
CA ALA C 855 -21.09 28.74 14.20
C ALA C 855 -20.19 28.40 13.03
N SER C 856 -20.48 27.30 12.33
CA SER C 856 -19.70 26.90 11.17
C SER C 856 -20.08 27.67 9.90
N LEU C 857 -21.21 28.37 9.92
CA LEU C 857 -21.60 29.20 8.78
C LEU C 857 -20.80 30.49 8.69
N ALA C 858 -20.01 30.82 9.72
CA ALA C 858 -19.13 31.99 9.68
C ALA C 858 -17.78 31.68 9.05
N LEU C 859 -17.58 30.46 8.58
CA LEU C 859 -16.35 30.09 7.88
C LEU C 859 -16.00 30.98 6.69
N PRO C 860 -16.92 31.36 5.80
CA PRO C 860 -16.54 32.28 4.71
C PRO C 860 -16.00 33.61 5.20
N PHE C 861 -16.53 34.16 6.28
CA PHE C 861 -16.03 35.43 6.80
C PHE C 861 -14.61 35.30 7.33
N VAL C 862 -14.33 34.23 8.07
CA VAL C 862 -12.98 34.01 8.58
C VAL C 862 -12.01 33.75 7.44
N LEU C 863 -12.48 33.07 6.39
CA LEU C 863 -11.66 32.87 5.20
C LEU C 863 -11.34 34.19 4.51
N ILE C 864 -12.33 35.08 4.41
CA ILE C 864 -12.13 36.40 3.83
C ILE C 864 -11.15 37.21 4.68
N LEU C 865 -11.18 37.01 6.00
CA LEU C 865 -10.28 37.75 6.90
C LEU C 865 -8.81 37.47 6.64
N THR C 866 -8.49 36.40 5.89
CA THR C 866 -7.10 36.16 5.53
C THR C 866 -6.56 37.20 4.54
N VAL C 867 -7.43 37.79 3.73
CA VAL C 867 -7.03 38.79 2.74
C VAL C 867 -6.47 40.04 3.41
N PRO C 868 -7.10 40.59 4.47
CA PRO C 868 -6.40 41.67 5.21
C PRO C 868 -5.09 41.23 5.83
N LEU C 869 -4.99 39.97 6.27
CA LEU C 869 -3.72 39.47 6.79
C LEU C 869 -2.65 39.47 5.71
N ARG C 870 -2.99 39.08 4.48
CA ARG C 870 -2.03 39.06 3.40
C ARG C 870 -1.65 40.47 2.95
N ARG C 871 -2.62 41.38 2.85
CA ARG C 871 -2.39 42.68 2.26
C ARG C 871 -1.91 43.74 3.25
N VAL C 872 -2.11 43.54 4.56
CA VAL C 872 -1.76 44.53 5.56
C VAL C 872 -0.72 44.00 6.54
N LEU C 873 -1.02 42.91 7.23
CA LEU C 873 -0.16 42.40 8.30
C LEU C 873 1.10 41.70 7.80
N LEU C 874 1.00 40.95 6.70
CA LEU C 874 2.19 40.30 6.16
C LEU C 874 3.28 41.26 5.70
N PRO C 875 3.00 42.37 4.99
CA PRO C 875 4.10 43.28 4.63
C PRO C 875 4.78 43.92 5.82
N LEU C 876 4.13 43.97 6.99
CA LEU C 876 4.75 44.53 8.17
C LEU C 876 5.89 43.66 8.71
N ILE C 877 5.92 42.38 8.36
CA ILE C 877 6.95 41.48 8.83
C ILE C 877 7.73 40.82 7.69
N PHE C 878 7.29 40.95 6.45
CA PHE C 878 7.98 40.38 5.31
C PHE C 878 8.24 41.45 4.26
N ARG C 879 9.32 41.30 3.51
CA ARG C 879 9.67 42.26 2.48
C ARG C 879 8.82 42.03 1.23
N ASN C 880 8.87 43.01 0.33
CA ASN C 880 8.09 42.90 -0.91
C ASN C 880 8.59 41.76 -1.79
N VAL C 881 9.91 41.58 -1.87
CA VAL C 881 10.47 40.50 -2.66
C VAL C 881 10.12 39.15 -2.04
N GLU C 882 10.14 39.06 -0.71
CA GLU C 882 9.78 37.82 -0.04
C GLU C 882 8.32 37.47 -0.29
N LEU C 883 7.43 38.47 -0.24
CA LEU C 883 6.01 38.20 -0.48
C LEU C 883 5.75 37.85 -1.94
N GLN C 884 6.49 38.48 -2.86
CA GLN C 884 6.34 38.14 -4.27
C GLN C 884 6.83 36.73 -4.58
N CYS C 885 7.91 36.29 -3.92
CA CYS C 885 8.40 34.93 -4.14
C CYS C 885 7.49 33.90 -3.49
N LEU C 886 7.05 34.16 -2.25
CA LEU C 886 6.22 33.21 -1.52
C LEU C 886 4.77 33.20 -1.99
N ASP C 887 4.23 34.36 -2.37
CA ASP C 887 2.84 34.48 -2.84
C ASP C 887 2.88 35.05 -4.24
N ALA C 888 2.96 34.16 -5.23
CA ALA C 888 3.01 34.53 -6.64
C ALA C 888 1.78 33.99 -7.35
N ASP C 889 1.18 34.81 -8.22
CA ASP C 889 0.00 34.39 -8.95
C ASP C 889 0.33 33.36 -10.02
N ASP C 890 1.54 33.41 -10.58
CA ASP C 890 1.90 32.47 -11.64
C ASP C 890 3.24 31.77 -11.36
N ALA C 891 3.67 31.73 -10.10
CA ALA C 891 4.92 31.08 -9.68
C ALA C 891 6.12 31.65 -10.44
N LYS C 892 6.34 32.94 -10.21
CA LYS C 892 7.43 33.67 -10.84
C LYS C 892 8.35 34.24 -9.77
N ALA C 893 9.60 34.49 -10.16
CA ALA C 893 10.62 35.02 -9.25
C ALA C 893 10.60 36.54 -9.20
N THR C 894 9.50 37.09 -8.68
CA THR C 894 9.30 38.54 -8.53
C THR C 894 9.46 39.29 -9.85
N PRO D 371 39.75 -17.38 -3.86
CA PRO D 371 39.46 -18.32 -2.78
C PRO D 371 39.03 -19.69 -3.30
N LEU D 372 38.64 -19.74 -4.57
CA LEU D 372 38.18 -20.97 -5.20
C LEU D 372 39.27 -21.70 -5.96
N GLN D 373 40.51 -21.23 -5.88
CA GLN D 373 41.61 -21.88 -6.58
C GLN D 373 41.98 -23.19 -5.87
N GLN D 374 42.55 -24.11 -6.64
CA GLN D 374 42.96 -25.42 -6.15
C GLN D 374 44.45 -25.38 -5.85
N THR D 375 44.80 -25.49 -4.57
CA THR D 375 46.20 -25.40 -4.16
C THR D 375 46.97 -26.69 -4.47
N GLY D 376 46.29 -27.84 -4.39
CA GLY D 376 46.93 -29.11 -4.55
C GLY D 376 47.47 -29.73 -3.26
N GLN D 377 47.36 -29.01 -2.15
CA GLN D 377 47.80 -29.50 -0.85
C GLN D 377 46.60 -30.03 -0.07
N LEU D 378 46.82 -31.10 0.68
CA LEU D 378 45.77 -31.65 1.53
C LEU D 378 45.32 -30.61 2.55
N PHE D 379 44.00 -30.41 2.62
CA PHE D 379 43.38 -29.36 3.43
C PHE D 379 43.92 -27.97 3.10
N GLY D 380 44.35 -27.76 1.85
CA GLY D 380 44.89 -26.47 1.46
C GLY D 380 43.85 -25.37 1.48
N GLY D 381 42.65 -25.67 1.01
CA GLY D 381 41.58 -24.69 1.04
C GLY D 381 41.16 -24.32 2.45
N LEU D 382 41.16 -25.29 3.37
CA LEU D 382 40.78 -25.03 4.74
C LEU D 382 41.75 -24.08 5.42
N VAL D 383 43.05 -24.26 5.19
CA VAL D 383 44.04 -23.41 5.83
C VAL D 383 43.99 -21.99 5.25
N ARG D 384 43.81 -21.87 3.93
CA ARG D 384 43.74 -20.55 3.32
C ARG D 384 42.53 -19.76 3.81
N ASP D 385 41.39 -20.44 3.99
CA ASP D 385 40.20 -19.76 4.49
C ASP D 385 40.41 -19.27 5.92
N ILE D 386 41.11 -20.05 6.74
CA ILE D 386 41.39 -19.64 8.12
C ILE D 386 42.29 -18.41 8.14
N ARG D 387 43.34 -18.41 7.32
CA ARG D 387 44.26 -17.28 7.30
C ARG D 387 43.63 -16.05 6.66
N ARG D 388 42.57 -16.24 5.86
CA ARG D 388 41.95 -15.11 5.19
C ARG D 388 41.09 -14.28 6.15
N ARG D 389 40.37 -14.95 7.05
CA ARG D 389 39.36 -14.28 7.86
C ARG D 389 39.76 -14.07 9.31
N TYR D 390 40.44 -15.03 9.94
CA TYR D 390 40.78 -14.95 11.37
C TYR D 390 41.65 -13.75 11.75
N PRO D 391 42.51 -13.22 10.86
CA PRO D 391 43.13 -11.92 11.17
C PRO D 391 42.10 -10.80 11.39
N TYR D 392 40.95 -10.87 10.74
CA TYR D 392 39.89 -9.88 10.93
C TYR D 392 38.98 -10.19 12.11
N TYR D 393 39.39 -11.08 13.02
CA TYR D 393 38.52 -11.46 14.13
C TYR D 393 38.30 -10.31 15.09
N LEU D 394 39.35 -9.51 15.34
CA LEU D 394 39.19 -8.35 16.22
C LEU D 394 38.24 -7.33 15.62
N SER D 395 38.31 -7.11 14.30
CA SER D 395 37.35 -6.24 13.64
C SER D 395 35.95 -6.83 13.65
N ASP D 396 35.83 -8.16 13.68
CA ASP D 396 34.53 -8.82 13.67
C ASP D 396 33.74 -8.61 14.94
N ILE D 397 34.35 -8.06 15.99
CA ILE D 397 33.65 -7.71 17.22
C ILE D 397 33.41 -6.21 17.32
N THR D 398 34.41 -5.41 16.94
CA THR D 398 34.29 -3.96 17.04
C THR D 398 33.40 -3.35 15.95
N ASP D 399 33.25 -4.04 14.82
CA ASP D 399 32.41 -3.51 13.74
C ASP D 399 30.92 -3.59 14.05
N ALA D 400 30.53 -4.29 15.11
CA ALA D 400 29.12 -4.42 15.46
C ALA D 400 28.62 -3.28 16.34
N PHE D 401 29.48 -2.33 16.70
CA PHE D 401 29.09 -1.22 17.59
C PHE D 401 28.34 -0.18 16.75
N SER D 402 27.09 -0.52 16.41
CA SER D 402 26.22 0.36 15.64
C SER D 402 24.78 -0.10 15.79
N PRO D 403 23.81 0.82 15.78
CA PRO D 403 22.40 0.42 15.92
C PRO D 403 21.90 -0.43 14.77
N GLN D 404 22.52 -0.34 13.59
CA GLN D 404 22.11 -1.15 12.46
C GLN D 404 22.32 -2.64 12.75
N VAL D 405 23.39 -2.97 13.47
CA VAL D 405 23.63 -4.36 13.84
C VAL D 405 22.54 -4.87 14.77
N LEU D 406 22.13 -4.05 15.74
CA LEU D 406 21.05 -4.44 16.64
C LEU D 406 19.73 -4.61 15.88
N ALA D 407 19.45 -3.71 14.94
CA ALA D 407 18.24 -3.84 14.13
C ALA D 407 18.28 -5.11 13.29
N ALA D 408 19.44 -5.43 12.73
CA ALA D 408 19.58 -6.68 11.97
C ALA D 408 19.41 -7.89 12.87
N VAL D 409 19.89 -7.81 14.11
CA VAL D 409 19.69 -8.89 15.07
C VAL D 409 18.20 -9.11 15.32
N ILE D 410 17.47 -8.02 15.55
CA ILE D 410 16.03 -8.13 15.80
C ILE D 410 15.31 -8.69 14.57
N PHE D 411 15.73 -8.26 13.37
CA PHE D 411 15.14 -8.78 12.14
C PHE D 411 15.37 -10.29 11.99
N ILE D 412 16.64 -10.70 12.08
CA ILE D 412 16.99 -12.09 11.81
C ILE D 412 16.51 -13.01 12.93
N TYR D 413 16.31 -12.49 14.14
CA TYR D 413 15.75 -13.31 15.21
C TYR D 413 14.38 -13.86 14.83
N PHE D 414 13.47 -12.98 14.41
CA PHE D 414 12.16 -13.44 13.95
C PHE D 414 12.28 -14.22 12.65
N ALA D 415 13.11 -13.72 11.72
CA ALA D 415 13.20 -14.33 10.39
C ALA D 415 13.76 -15.75 10.44
N ALA D 416 14.45 -16.11 11.54
CA ALA D 416 14.93 -17.46 11.71
C ALA D 416 14.09 -18.25 12.71
N LEU D 417 13.46 -17.59 13.67
CA LEU D 417 12.67 -18.29 14.67
C LEU D 417 11.36 -18.80 14.09
N SER D 418 10.66 -17.95 13.33
CA SER D 418 9.36 -18.36 12.79
C SER D 418 9.45 -19.53 11.83
N PRO D 419 10.36 -19.54 10.83
CA PRO D 419 10.51 -20.77 10.03
C PRO D 419 10.96 -21.96 10.86
N ALA D 420 11.78 -21.74 11.89
CA ALA D 420 12.20 -22.83 12.77
C ALA D 420 11.00 -23.42 13.50
N ILE D 421 10.12 -22.58 14.02
CA ILE D 421 8.94 -23.06 14.73
C ILE D 421 8.02 -23.82 13.78
N THR D 422 7.79 -23.26 12.58
CA THR D 422 6.90 -23.90 11.62
C THR D 422 7.46 -25.27 11.17
N PHE D 423 8.76 -25.32 10.86
CA PHE D 423 9.35 -26.57 10.41
C PHE D 423 9.43 -27.59 11.53
N GLY D 424 9.66 -27.14 12.77
CA GLY D 424 9.62 -28.06 13.90
C GLY D 424 8.25 -28.65 14.13
N GLY D 425 7.21 -27.81 14.00
CA GLY D 425 5.85 -28.33 14.12
C GLY D 425 5.52 -29.33 13.03
N LEU D 426 5.88 -29.01 11.79
CA LEU D 426 5.63 -29.93 10.69
C LEU D 426 6.41 -31.24 10.87
N LEU D 427 7.66 -31.14 11.32
CA LEU D 427 8.48 -32.33 11.54
C LEU D 427 7.90 -33.19 12.66
N GLY D 428 7.42 -32.56 13.74
CA GLY D 428 6.80 -33.32 14.80
C GLY D 428 5.51 -33.99 14.36
N GLU D 429 4.73 -33.31 13.52
CA GLU D 429 3.52 -33.93 12.99
C GLU D 429 3.83 -35.11 12.08
N LYS D 430 4.85 -34.97 11.24
CA LYS D 430 5.16 -35.97 10.22
C LYS D 430 6.09 -37.08 10.70
N THR D 431 6.67 -36.95 11.90
CA THR D 431 7.57 -37.97 12.43
C THR D 431 7.15 -38.48 13.81
N ARG D 432 5.89 -38.27 14.20
CA ARG D 432 5.37 -38.67 15.51
C ARG D 432 6.20 -38.08 16.65
N ASN D 433 6.61 -36.82 16.51
CA ASN D 433 7.30 -36.04 17.54
C ASN D 433 8.67 -36.62 17.90
N GLN D 434 9.24 -37.48 17.07
CA GLN D 434 10.60 -37.94 17.32
C GLN D 434 11.60 -36.79 17.21
N MET D 435 11.40 -35.92 16.22
CA MET D 435 12.08 -34.63 16.14
C MET D 435 11.03 -33.55 16.02
N GLY D 436 11.14 -32.51 16.85
CA GLY D 436 10.12 -31.49 16.88
C GLY D 436 10.64 -30.08 17.01
N VAL D 437 9.84 -29.21 17.64
CA VAL D 437 10.18 -27.79 17.74
C VAL D 437 11.40 -27.60 18.64
N SER D 438 11.41 -28.27 19.79
CA SER D 438 12.47 -28.04 20.77
C SER D 438 13.83 -28.50 20.26
N GLU D 439 13.88 -29.69 19.65
CA GLU D 439 15.15 -30.19 19.12
C GLU D 439 15.66 -29.29 18.01
N LEU D 440 14.76 -28.84 17.12
CA LEU D 440 15.16 -27.96 16.03
C LEU D 440 15.68 -26.63 16.56
N LEU D 441 15.01 -26.07 17.57
CA LEU D 441 15.45 -24.80 18.16
C LEU D 441 16.82 -24.94 18.81
N ILE D 442 17.03 -26.03 19.56
CA ILE D 442 18.31 -26.22 20.23
C ILE D 442 19.42 -26.43 19.21
N SER D 443 19.16 -27.23 18.17
CA SER D 443 20.15 -27.45 17.12
C SER D 443 20.47 -26.14 16.40
N THR D 444 19.44 -25.34 16.12
CA THR D 444 19.66 -24.05 15.47
C THR D 444 20.53 -23.14 16.33
N ALA D 445 20.24 -23.08 17.62
CA ALA D 445 21.02 -22.25 18.52
C ALA D 445 22.48 -22.69 18.58
N VAL D 446 22.71 -23.99 18.76
CA VAL D 446 24.08 -24.49 18.90
C VAL D 446 24.86 -24.29 17.61
N GLN D 447 24.26 -24.66 16.47
CA GLN D 447 24.96 -24.54 15.20
C GLN D 447 25.20 -23.08 14.83
N GLY D 448 24.23 -22.20 15.12
CA GLY D 448 24.43 -20.79 14.85
C GLY D 448 25.53 -20.19 15.71
N ILE D 449 25.59 -20.55 16.99
CA ILE D 449 26.64 -20.06 17.86
C ILE D 449 28.01 -20.53 17.37
N LEU D 450 28.12 -21.82 17.05
CA LEU D 450 29.41 -22.35 16.62
C LEU D 450 29.83 -21.81 15.27
N PHE D 451 28.85 -21.53 14.39
CA PHE D 451 29.17 -20.98 13.08
C PHE D 451 29.55 -19.51 13.17
N ALA D 452 28.89 -18.74 14.05
CA ALA D 452 29.27 -17.35 14.23
C ALA D 452 30.63 -17.23 14.89
N LEU D 453 30.96 -18.13 15.81
CA LEU D 453 32.24 -18.04 16.50
C LEU D 453 33.39 -18.53 15.64
N LEU D 454 33.15 -19.49 14.73
CA LEU D 454 34.23 -20.13 14.01
C LEU D 454 34.12 -20.06 12.49
N GLY D 455 33.01 -19.60 11.94
CA GLY D 455 32.85 -19.59 10.50
C GLY D 455 33.63 -18.48 9.83
N ALA D 456 33.84 -18.65 8.52
CA ALA D 456 34.53 -17.67 7.71
C ALA D 456 33.60 -16.64 7.08
N GLN D 457 32.30 -16.93 6.99
CA GLN D 457 31.30 -15.99 6.51
C GLN D 457 30.19 -15.96 7.55
N PRO D 458 30.36 -15.17 8.62
CA PRO D 458 29.36 -15.15 9.70
C PRO D 458 28.01 -14.58 9.28
N LEU D 459 27.93 -13.87 8.16
CA LEU D 459 26.65 -13.31 7.71
C LEU D 459 25.65 -14.38 7.28
N LEU D 460 26.11 -15.60 7.03
CA LEU D 460 25.19 -16.68 6.71
C LEU D 460 24.36 -17.06 7.93
N VAL D 461 23.09 -17.37 7.70
CA VAL D 461 22.18 -17.79 8.76
C VAL D 461 21.95 -19.28 8.60
N VAL D 462 22.21 -20.03 9.67
CA VAL D 462 22.10 -21.49 9.66
C VAL D 462 20.75 -21.88 10.23
N GLY D 463 19.98 -22.64 9.45
CA GLY D 463 18.65 -23.03 9.89
C GLY D 463 18.10 -24.11 8.99
N PHE D 464 16.91 -24.60 9.36
CA PHE D 464 16.24 -25.66 8.64
C PHE D 464 15.63 -25.11 7.34
N SER D 465 15.43 -26.02 6.39
CA SER D 465 14.90 -25.64 5.08
C SER D 465 13.92 -26.71 4.60
N GLY D 466 13.16 -26.34 3.56
CA GLY D 466 12.14 -27.20 2.99
C GLY D 466 12.61 -28.52 2.42
N PRO D 467 13.66 -28.51 1.58
CA PRO D 467 14.19 -29.79 1.09
C PRO D 467 14.66 -30.73 2.19
N LEU D 468 15.20 -30.18 3.28
CA LEU D 468 15.54 -31.01 4.43
C LEU D 468 14.29 -31.66 5.02
N LEU D 469 13.19 -30.91 5.10
CA LEU D 469 11.94 -31.48 5.60
C LEU D 469 11.42 -32.58 4.67
N VAL D 470 11.56 -32.38 3.36
CA VAL D 470 11.14 -33.41 2.41
C VAL D 470 11.98 -34.67 2.58
N PHE D 471 13.29 -34.51 2.76
CA PHE D 471 14.15 -35.67 3.00
C PHE D 471 13.78 -36.37 4.30
N GLU D 472 13.45 -35.59 5.34
CA GLU D 472 13.05 -36.21 6.61
C GLU D 472 11.77 -37.00 6.44
N GLU D 473 10.81 -36.46 5.68
CA GLU D 473 9.58 -37.20 5.39
C GLU D 473 9.87 -38.50 4.65
N ALA D 474 10.72 -38.43 3.62
CA ALA D 474 11.04 -39.62 2.84
C ALA D 474 11.76 -40.66 3.68
N PHE D 475 12.71 -40.23 4.53
CA PHE D 475 13.45 -41.17 5.35
C PHE D 475 12.57 -41.78 6.43
N PHE D 476 11.65 -40.99 7.00
CA PHE D 476 10.70 -41.54 7.97
C PHE D 476 9.80 -42.57 7.32
N SER D 477 9.33 -42.29 6.10
CA SER D 477 8.53 -43.28 5.38
C SER D 477 9.32 -44.54 5.10
N PHE D 478 10.59 -44.40 4.69
CA PHE D 478 11.43 -45.56 4.41
C PHE D 478 11.66 -46.39 5.66
N CYS D 479 11.92 -45.74 6.81
CA CYS D 479 12.13 -46.47 8.05
C CYS D 479 10.84 -47.13 8.52
N GLU D 480 9.69 -46.47 8.35
CA GLU D 480 8.43 -47.06 8.75
C GLU D 480 8.09 -48.28 7.89
N THR D 481 8.38 -48.20 6.60
CA THR D 481 8.08 -49.33 5.70
C THR D 481 8.90 -50.56 6.06
N ASN D 482 10.20 -50.38 6.34
CA ASN D 482 11.11 -51.49 6.59
C ASN D 482 11.24 -51.80 8.08
N GLY D 483 10.48 -51.14 8.93
CA GLY D 483 10.57 -51.38 10.37
C GLY D 483 11.91 -50.99 10.96
N LEU D 484 12.45 -49.85 10.54
CA LEU D 484 13.73 -49.35 11.03
C LEU D 484 13.52 -48.18 11.97
N GLU D 485 14.45 -48.02 12.91
CA GLU D 485 14.40 -46.89 13.83
C GLU D 485 14.86 -45.63 13.10
N TYR D 486 13.96 -44.65 13.00
CA TYR D 486 14.23 -43.45 12.21
C TYR D 486 15.37 -42.62 12.79
N ILE D 487 15.39 -42.45 14.11
CA ILE D 487 16.39 -41.57 14.72
C ILE D 487 17.77 -42.21 14.68
N VAL D 488 17.84 -43.54 14.82
CA VAL D 488 19.13 -44.22 14.72
C VAL D 488 19.64 -44.19 13.28
N GLY D 489 18.73 -44.33 12.32
CA GLY D 489 19.11 -44.15 10.92
C GLY D 489 19.65 -42.75 10.66
N ARG D 490 19.04 -41.75 11.28
CA ARG D 490 19.57 -40.39 11.19
C ARG D 490 20.96 -40.28 11.82
N VAL D 491 21.16 -40.97 12.94
CA VAL D 491 22.48 -40.99 13.59
C VAL D 491 23.52 -41.56 12.64
N TRP D 492 23.20 -42.67 11.98
CA TRP D 492 24.15 -43.29 11.06
C TRP D 492 24.36 -42.43 9.81
N ILE D 493 23.33 -41.75 9.34
CA ILE D 493 23.50 -40.84 8.21
C ILE D 493 24.43 -39.69 8.59
N GLY D 494 24.23 -39.10 9.77
CA GLY D 494 25.13 -38.05 10.23
C GLY D 494 26.54 -38.54 10.43
N PHE D 495 26.69 -39.80 10.85
CA PHE D 495 28.02 -40.41 10.91
C PHE D 495 28.64 -40.50 9.53
N TRP D 496 27.85 -40.88 8.52
CA TRP D 496 28.35 -40.90 7.16
C TRP D 496 28.56 -39.49 6.61
N LEU D 497 27.83 -38.50 7.16
CA LEU D 497 28.00 -37.12 6.71
C LEU D 497 29.38 -36.59 7.06
N ILE D 498 29.89 -36.93 8.23
CA ILE D 498 31.20 -36.44 8.66
C ILE D 498 32.30 -37.00 7.76
N LEU D 499 32.18 -38.26 7.37
CA LEU D 499 33.20 -38.87 6.50
C LEU D 499 33.25 -38.18 5.14
N LEU D 500 32.09 -37.85 4.57
CA LEU D 500 32.05 -37.27 3.22
C LEU D 500 32.66 -35.88 3.19
N VAL D 501 32.36 -35.06 4.19
CA VAL D 501 32.79 -33.66 4.15
C VAL D 501 34.30 -33.53 4.34
N VAL D 502 34.88 -34.38 5.20
CA VAL D 502 36.32 -34.31 5.46
C VAL D 502 37.09 -34.67 4.19
N LEU D 503 36.61 -35.67 3.45
CA LEU D 503 37.25 -36.02 2.18
C LEU D 503 37.17 -34.87 1.18
N VAL D 504 36.03 -34.18 1.13
CA VAL D 504 35.87 -33.06 0.21
C VAL D 504 36.80 -31.91 0.60
N VAL D 505 36.89 -31.61 1.89
CA VAL D 505 37.77 -30.53 2.35
C VAL D 505 39.24 -30.90 2.13
N ALA D 506 39.59 -32.17 2.37
CA ALA D 506 40.97 -32.60 2.21
C ALA D 506 41.42 -32.50 0.76
N PHE D 507 40.55 -32.86 -0.19
CA PHE D 507 40.87 -32.81 -1.61
C PHE D 507 40.44 -31.48 -2.24
N GLU D 508 40.01 -30.51 -1.43
CA GLU D 508 39.56 -29.20 -1.91
C GLU D 508 38.43 -29.33 -2.93
N GLY D 509 37.44 -30.16 -2.60
CA GLY D 509 36.30 -30.35 -3.49
C GLY D 509 35.42 -29.13 -3.64
N SER D 510 35.57 -28.14 -2.76
CA SER D 510 34.78 -26.92 -2.86
C SER D 510 35.25 -26.02 -3.99
N PHE D 511 36.34 -26.36 -4.67
CA PHE D 511 36.80 -25.55 -5.81
C PHE D 511 35.88 -25.69 -7.01
N LEU D 512 35.03 -26.71 -7.04
CA LEU D 512 34.07 -26.88 -8.14
C LEU D 512 33.00 -25.79 -8.15
N VAL D 513 32.87 -25.03 -7.06
CA VAL D 513 31.91 -23.94 -6.98
C VAL D 513 32.22 -22.84 -7.99
N ARG D 514 33.48 -22.71 -8.41
CA ARG D 514 33.86 -21.68 -9.38
C ARG D 514 33.20 -21.90 -10.74
N PHE D 515 32.69 -23.09 -11.02
CA PHE D 515 31.99 -23.37 -12.27
C PHE D 515 30.53 -22.95 -12.22
N ILE D 516 30.04 -22.47 -11.08
CA ILE D 516 28.68 -21.97 -10.95
C ILE D 516 28.73 -20.47 -11.22
N SER D 517 28.31 -20.07 -12.42
CA SER D 517 28.35 -18.68 -12.82
C SER D 517 27.13 -17.93 -12.29
N ARG D 518 26.99 -16.67 -12.71
CA ARG D 518 25.86 -15.85 -12.30
C ARG D 518 24.55 -16.42 -12.80
N TYR D 519 24.59 -17.20 -13.88
CA TYR D 519 23.40 -17.82 -14.45
C TYR D 519 22.67 -18.69 -13.42
N THR D 520 23.35 -19.74 -12.94
CA THR D 520 22.73 -20.67 -12.00
C THR D 520 22.42 -19.98 -10.68
N GLN D 521 23.32 -19.11 -10.20
CA GLN D 521 23.10 -18.40 -8.94
C GLN D 521 21.81 -17.58 -8.99
N GLU D 522 21.64 -16.79 -10.05
CA GLU D 522 20.46 -15.95 -10.16
C GLU D 522 19.20 -16.77 -10.40
N ILE D 523 19.29 -17.86 -11.17
CA ILE D 523 18.12 -18.72 -11.37
C ILE D 523 17.67 -19.30 -10.03
N PHE D 524 18.63 -19.80 -9.24
CA PHE D 524 18.30 -20.39 -7.94
C PHE D 524 17.73 -19.35 -7.00
N SER D 525 18.33 -18.15 -6.97
CA SER D 525 17.85 -17.10 -6.08
C SER D 525 16.43 -16.67 -6.45
N PHE D 526 16.17 -16.49 -7.75
CA PHE D 526 14.84 -16.09 -8.18
C PHE D 526 13.81 -17.17 -7.87
N LEU D 527 14.16 -18.43 -8.11
CA LEU D 527 13.25 -19.53 -7.80
C LEU D 527 12.96 -19.60 -6.30
N ILE D 528 13.99 -19.43 -5.48
CA ILE D 528 13.81 -19.54 -4.03
C ILE D 528 12.97 -18.37 -3.51
N SER D 529 13.18 -17.17 -4.06
CA SER D 529 12.35 -16.04 -3.66
C SER D 529 10.91 -16.23 -4.08
N LEU D 530 10.67 -16.76 -5.27
CA LEU D 530 9.32 -17.05 -5.71
C LEU D 530 8.66 -18.09 -4.81
N ILE D 531 9.42 -19.12 -4.41
CA ILE D 531 8.89 -20.14 -3.50
C ILE D 531 8.54 -19.52 -2.16
N PHE D 532 9.40 -18.64 -1.65
CA PHE D 532 9.14 -17.99 -0.36
C PHE D 532 7.87 -17.15 -0.41
N ILE D 533 7.71 -16.36 -1.48
CA ILE D 533 6.51 -15.53 -1.62
C ILE D 533 5.27 -16.41 -1.78
N TYR D 534 5.39 -17.50 -2.54
CA TYR D 534 4.26 -18.40 -2.75
C TYR D 534 3.83 -19.05 -1.44
N GLU D 535 4.79 -19.49 -0.62
CA GLU D 535 4.45 -20.08 0.67
C GLU D 535 3.85 -19.03 1.61
N THR D 536 4.37 -17.80 1.57
CA THR D 536 3.82 -16.74 2.41
C THR D 536 2.36 -16.46 2.05
N PHE D 537 2.03 -16.44 0.77
CA PHE D 537 0.64 -16.23 0.37
C PHE D 537 -0.21 -17.47 0.65
N SER D 538 0.35 -18.67 0.50
CA SER D 538 -0.41 -19.89 0.73
C SER D 538 -0.77 -20.06 2.20
N LYS D 539 0.09 -19.59 3.10
CA LYS D 539 -0.26 -19.63 4.52
C LYS D 539 -1.47 -18.75 4.82
N LEU D 540 -1.53 -17.56 4.21
CA LEU D 540 -2.70 -16.70 4.37
C LEU D 540 -3.93 -17.33 3.75
N ILE D 541 -3.76 -18.00 2.60
CA ILE D 541 -4.88 -18.70 1.98
C ILE D 541 -5.39 -19.82 2.88
N LYS D 542 -4.48 -20.55 3.53
CA LYS D 542 -4.88 -21.58 4.47
C LYS D 542 -5.60 -21.00 5.68
N ILE D 543 -5.13 -19.84 6.16
CA ILE D 543 -5.82 -19.17 7.26
C ILE D 543 -7.23 -18.79 6.86
N PHE D 544 -7.40 -18.27 5.63
CA PHE D 544 -8.74 -17.94 5.14
C PHE D 544 -9.61 -19.18 5.00
N GLN D 545 -9.03 -20.30 4.55
CA GLN D 545 -9.80 -21.53 4.42
C GLN D 545 -10.24 -22.07 5.77
N ASP D 546 -9.38 -21.94 6.79
CA ASP D 546 -9.73 -22.42 8.13
C ASP D 546 -10.85 -21.60 8.76
N HIS D 547 -10.91 -20.31 8.46
CA HIS D 547 -11.95 -19.42 8.99
C HIS D 547 -12.59 -18.67 7.84
N PRO D 548 -13.44 -19.33 7.06
CA PRO D 548 -14.04 -18.69 5.89
C PRO D 548 -15.05 -17.64 6.29
N LEU D 549 -15.37 -16.78 5.32
CA LEU D 549 -16.36 -15.73 5.52
C LEU D 549 -17.76 -16.32 5.38
N GLN D 550 -18.49 -16.39 6.51
CA GLN D 550 -19.80 -17.00 6.55
C GLN D 550 -20.78 -16.04 7.23
N LYS D 551 -22.06 -16.20 6.87
CA LYS D 551 -23.09 -15.34 7.46
C LYS D 551 -23.28 -15.64 8.94
N THR D 552 -23.20 -16.90 9.33
CA THR D 552 -23.40 -17.32 10.71
C THR D 552 -22.22 -18.16 11.19
N TYR D 553 -21.93 -18.05 12.48
CA TYR D 553 -20.87 -18.81 13.12
C TYR D 553 -21.36 -19.37 14.44
N ASN D 554 -20.73 -20.46 14.87
CA ASN D 554 -20.99 -21.04 16.20
C ASN D 554 -20.17 -20.27 17.21
N TYR D 555 -20.85 -19.56 18.12
CA TYR D 555 -20.14 -18.74 19.10
C TYR D 555 -19.50 -19.58 20.21
N ASN D 556 -19.86 -20.86 20.31
CA ASN D 556 -19.30 -21.76 21.33
C ASN D 556 -18.41 -22.78 20.63
N VAL D 557 -17.14 -22.43 20.44
CA VAL D 557 -16.16 -23.28 19.80
C VAL D 557 -14.96 -23.41 20.73
N LEU D 558 -14.52 -24.65 20.96
CA LEU D 558 -13.37 -24.89 21.83
C LEU D 558 -12.11 -24.30 21.22
N MET D 559 -11.31 -23.64 22.05
CA MET D 559 -10.10 -22.97 21.60
C MET D 559 -8.82 -23.77 21.86
N VAL D 560 -8.84 -24.69 22.82
CA VAL D 560 -7.67 -25.48 23.17
C VAL D 560 -7.71 -26.81 22.44
N PRO D 561 -6.61 -27.22 21.77
CA PRO D 561 -5.35 -26.49 21.59
C PRO D 561 -5.45 -25.46 20.46
N LYS D 562 -6.31 -25.73 19.48
CA LYS D 562 -6.58 -24.83 18.37
C LYS D 562 -8.08 -24.74 18.17
N PRO D 563 -8.58 -23.66 17.59
CA PRO D 563 -10.02 -23.56 17.33
C PRO D 563 -10.49 -24.64 16.37
N GLN D 564 -11.50 -25.40 16.79
CA GLN D 564 -12.02 -26.53 16.02
C GLN D 564 -13.07 -26.12 15.00
N GLY D 565 -13.39 -24.84 14.91
CA GLY D 565 -14.37 -24.36 13.96
C GLY D 565 -14.06 -22.96 13.47
N PRO D 566 -14.74 -22.53 12.42
CA PRO D 566 -14.53 -21.17 11.90
C PRO D 566 -14.90 -20.11 12.94
N LEU D 567 -14.13 -19.03 12.95
CA LEU D 567 -14.35 -17.92 13.86
C LEU D 567 -14.49 -16.62 13.09
N PRO D 568 -15.34 -15.70 13.56
CA PRO D 568 -15.52 -14.43 12.84
C PRO D 568 -14.30 -13.54 12.95
N ASN D 569 -14.11 -12.72 11.91
CA ASN D 569 -13.12 -11.64 11.89
C ASN D 569 -11.68 -12.12 11.98
N THR D 570 -11.46 -13.44 11.86
CA THR D 570 -10.11 -13.97 12.03
C THR D 570 -9.28 -13.77 10.77
N ALA D 571 -9.75 -14.32 9.64
CA ALA D 571 -8.98 -14.26 8.40
C ALA D 571 -8.83 -12.83 7.91
N LEU D 572 -9.89 -12.02 8.03
CA LEU D 572 -9.82 -10.63 7.59
C LEU D 572 -8.82 -9.84 8.42
N LEU D 573 -8.80 -10.05 9.74
CA LEU D 573 -7.83 -9.36 10.58
C LEU D 573 -6.41 -9.84 10.29
N SER D 574 -6.25 -11.13 9.99
CA SER D 574 -4.93 -11.63 9.61
C SER D 574 -4.44 -10.97 8.32
N LEU D 575 -5.34 -10.84 7.33
CA LEU D 575 -4.99 -10.15 6.09
C LEU D 575 -4.65 -8.69 6.34
N VAL D 576 -5.43 -8.03 7.20
CA VAL D 576 -5.17 -6.62 7.52
C VAL D 576 -3.82 -6.47 8.20
N LEU D 577 -3.50 -7.34 9.16
CA LEU D 577 -2.22 -7.26 9.84
C LEU D 577 -1.05 -7.52 8.89
N MET D 578 -1.18 -8.51 8.01
CA MET D 578 -0.11 -8.80 7.06
C MET D 578 0.10 -7.64 6.10
N ALA D 579 -0.99 -7.08 5.57
CA ALA D 579 -0.89 -5.95 4.65
C ALA D 579 -0.30 -4.73 5.34
N GLY D 580 -0.70 -4.48 6.59
CA GLY D 580 -0.16 -3.36 7.34
C GLY D 580 1.31 -3.51 7.64
N THR D 581 1.73 -4.73 8.00
CA THR D 581 3.15 -4.98 8.25
C THR D 581 3.98 -4.74 6.99
N PHE D 582 3.51 -5.29 5.85
CA PHE D 582 4.22 -5.10 4.60
C PHE D 582 4.26 -3.62 4.20
N PHE D 583 3.14 -2.92 4.35
CA PHE D 583 3.07 -1.51 3.99
C PHE D 583 4.00 -0.67 4.86
N PHE D 584 4.00 -0.91 6.16
CA PHE D 584 4.88 -0.16 7.05
C PHE D 584 6.35 -0.45 6.77
N ALA D 585 6.69 -1.72 6.50
CA ALA D 585 8.07 -2.06 6.19
C ALA D 585 8.52 -1.37 4.91
N MET D 586 7.69 -1.39 3.86
CA MET D 586 8.05 -0.75 2.61
C MET D 586 8.15 0.77 2.76
N MET D 587 7.23 1.36 3.52
CA MET D 587 7.26 2.81 3.72
C MET D 587 8.49 3.23 4.50
N LEU D 588 8.88 2.46 5.53
CA LEU D 588 10.08 2.80 6.28
C LEU D 588 11.35 2.58 5.46
N ARG D 589 11.34 1.56 4.59
CA ARG D 589 12.46 1.37 3.67
C ARG D 589 12.60 2.53 2.71
N LYS D 590 11.47 3.05 2.20
CA LYS D 590 11.51 4.25 1.39
C LYS D 590 11.96 5.46 2.20
N PHE D 591 11.54 5.54 3.46
CA PHE D 591 11.93 6.65 4.32
C PHE D 591 13.43 6.65 4.58
N LYS D 592 14.05 5.47 4.59
CA LYS D 592 15.51 5.39 4.69
C LYS D 592 16.19 6.12 3.54
N ASN D 593 15.69 5.92 2.32
CA ASN D 593 16.30 6.57 1.16
C ASN D 593 15.69 7.95 0.91
N SER D 594 14.67 8.32 1.69
CA SER D 594 13.99 9.58 1.47
C SER D 594 14.87 10.75 1.92
N SER D 595 14.42 11.97 1.57
CA SER D 595 15.11 13.20 1.92
C SER D 595 14.52 13.88 3.15
N TYR D 596 13.65 13.21 3.89
CA TYR D 596 13.01 13.79 5.07
C TYR D 596 13.83 13.51 6.33
N PHE D 597 13.65 14.38 7.33
CA PHE D 597 14.26 14.31 8.67
C PHE D 597 15.78 14.49 8.61
N PRO D 598 16.43 14.78 9.74
CA PRO D 598 17.90 14.78 9.75
C PRO D 598 18.45 13.42 9.37
N GLY D 599 19.61 13.44 8.70
CA GLY D 599 20.13 12.22 8.10
C GLY D 599 20.43 11.12 9.10
N LYS D 600 21.00 11.49 10.25
CA LYS D 600 21.32 10.49 11.27
C LYS D 600 20.06 9.84 11.82
N LEU D 601 19.08 10.65 12.22
CA LEU D 601 17.82 10.09 12.72
C LEU D 601 17.06 9.35 11.63
N ARG D 602 17.12 9.85 10.39
CA ARG D 602 16.47 9.16 9.28
C ARG D 602 17.05 7.77 9.06
N ARG D 603 18.39 7.66 9.08
CA ARG D 603 19.01 6.35 8.89
C ARG D 603 18.78 5.44 10.09
N VAL D 604 18.74 6.00 11.29
CA VAL D 604 18.44 5.20 12.48
C VAL D 604 17.03 4.62 12.39
N ILE D 605 16.06 5.44 11.99
CA ILE D 605 14.69 4.95 11.84
C ILE D 605 14.60 3.93 10.71
N GLY D 606 15.30 4.18 9.60
CA GLY D 606 15.25 3.25 8.48
C GLY D 606 15.85 1.90 8.80
N ASP D 607 16.93 1.89 9.59
CA ASP D 607 17.53 0.62 9.99
C ASP D 607 16.57 -0.19 10.86
N PHE D 608 15.86 0.47 11.77
CA PHE D 608 14.89 -0.19 12.65
C PHE D 608 13.50 -0.23 12.04
N GLY D 609 13.40 -0.20 10.72
CA GLY D 609 12.08 -0.18 10.09
C GLY D 609 11.28 -1.44 10.35
N VAL D 610 11.92 -2.60 10.20
CA VAL D 610 11.24 -3.87 10.47
C VAL D 610 10.86 -4.01 11.95
N PRO D 611 11.75 -3.75 12.92
CA PRO D 611 11.29 -3.80 14.32
C PRO D 611 10.17 -2.82 14.63
N ILE D 612 10.20 -1.62 14.04
CA ILE D 612 9.14 -0.64 14.28
C ILE D 612 7.82 -1.14 13.73
N SER D 613 7.84 -1.69 12.50
CA SER D 613 6.61 -2.21 11.91
C SER D 613 6.08 -3.39 12.73
N ILE D 614 6.97 -4.28 13.17
CA ILE D 614 6.54 -5.43 13.97
C ILE D 614 5.92 -4.97 15.27
N LEU D 615 6.56 -4.01 15.94
CA LEU D 615 6.02 -3.49 17.20
C LEU D 615 4.66 -2.83 17.00
N ILE D 616 4.52 -2.03 15.93
CA ILE D 616 3.26 -1.33 15.69
C ILE D 616 2.14 -2.32 15.44
N MET D 617 2.38 -3.31 14.58
CA MET D 617 1.32 -4.26 14.26
C MET D 617 1.02 -5.18 15.44
N VAL D 618 2.03 -5.54 16.22
CA VAL D 618 1.80 -6.36 17.42
C VAL D 618 0.96 -5.59 18.43
N LEU D 619 1.24 -4.30 18.61
CA LEU D 619 0.42 -3.49 19.51
C LEU D 619 -1.00 -3.35 18.98
N VAL D 620 -1.16 -3.19 17.67
CA VAL D 620 -2.49 -3.07 17.08
C VAL D 620 -3.30 -4.34 17.33
N ASP D 621 -2.68 -5.50 17.14
CA ASP D 621 -3.38 -6.75 17.43
C ASP D 621 -3.61 -6.92 18.94
N PHE D 622 -2.69 -6.42 19.76
CA PHE D 622 -2.82 -6.55 21.21
C PHE D 622 -4.01 -5.75 21.73
N PHE D 623 -4.26 -4.57 21.15
CA PHE D 623 -5.38 -3.76 21.58
C PHE D 623 -6.73 -4.28 21.06
N ILE D 624 -6.73 -5.31 20.22
CA ILE D 624 -7.96 -5.96 19.80
C ILE D 624 -8.09 -7.27 20.58
N GLN D 625 -8.77 -7.22 21.72
CA GLN D 625 -8.85 -8.38 22.60
C GLN D 625 -9.82 -9.45 22.08
N ASP D 626 -10.98 -9.02 21.57
CA ASP D 626 -12.05 -9.96 21.23
C ASP D 626 -11.66 -10.89 20.08
N THR D 627 -11.05 -10.36 19.03
CA THR D 627 -10.74 -11.15 17.86
C THR D 627 -9.55 -12.07 18.12
N TYR D 628 -9.63 -13.29 17.59
CA TYR D 628 -8.58 -14.28 17.75
C TYR D 628 -7.65 -14.28 16.54
N THR D 629 -6.35 -14.24 16.81
CA THR D 629 -5.33 -14.37 15.77
C THR D 629 -4.29 -15.38 16.24
N GLN D 630 -3.82 -16.20 15.30
CA GLN D 630 -2.85 -17.23 15.63
C GLN D 630 -1.52 -16.59 16.03
N LYS D 631 -0.94 -17.09 17.13
CA LYS D 631 0.27 -16.53 17.71
C LYS D 631 1.42 -17.53 17.59
N LEU D 632 2.60 -17.06 17.96
CA LEU D 632 3.77 -17.93 18.03
C LEU D 632 3.63 -18.90 19.20
N SER D 633 3.99 -20.16 18.96
CA SER D 633 3.91 -21.21 19.96
C SER D 633 5.28 -21.85 20.13
N VAL D 634 5.77 -21.87 21.36
CA VAL D 634 7.07 -22.48 21.67
C VAL D 634 6.84 -23.55 22.74
N PRO D 635 7.71 -24.56 22.84
CA PRO D 635 7.54 -25.57 23.89
C PRO D 635 7.73 -24.96 25.28
N ASP D 636 7.15 -25.66 26.27
CA ASP D 636 7.17 -25.16 27.64
C ASP D 636 8.60 -25.11 28.20
N GLY D 637 9.40 -26.13 27.89
CA GLY D 637 10.76 -26.18 28.42
C GLY D 637 11.74 -26.90 27.53
N PHE D 638 13.02 -26.92 27.94
CA PHE D 638 14.07 -27.57 27.17
C PHE D 638 14.01 -29.08 27.43
N LYS D 639 13.07 -29.73 26.75
CA LYS D 639 12.86 -31.16 26.86
C LYS D 639 12.59 -31.73 25.47
N VAL D 640 12.80 -33.04 25.34
CA VAL D 640 12.56 -33.70 24.07
C VAL D 640 11.07 -33.66 23.73
N SER D 641 10.77 -33.68 22.42
CA SER D 641 9.38 -33.57 21.98
C SER D 641 8.58 -34.80 22.37
N ASN D 642 9.19 -35.99 22.31
CA ASN D 642 8.54 -37.24 22.69
C ASN D 642 9.44 -37.95 23.69
N SER D 643 9.07 -37.86 24.97
CA SER D 643 9.85 -38.52 26.02
C SER D 643 9.71 -40.04 25.98
N SER D 644 8.68 -40.55 25.31
CA SER D 644 8.50 -41.99 25.22
C SER D 644 9.22 -42.59 24.01
N ALA D 645 9.75 -41.74 23.13
CA ALA D 645 10.41 -42.25 21.93
C ALA D 645 11.92 -42.30 22.09
N ARG D 646 12.54 -41.19 22.49
CA ARG D 646 13.99 -41.13 22.58
C ARG D 646 14.39 -40.07 23.61
N GLY D 647 15.66 -40.14 24.01
CA GLY D 647 16.24 -39.16 24.93
C GLY D 647 17.10 -38.15 24.20
N TRP D 648 17.97 -37.50 24.97
CA TRP D 648 18.88 -36.53 24.38
C TRP D 648 20.01 -37.19 23.60
N VAL D 649 20.46 -38.37 24.03
CA VAL D 649 21.50 -39.12 23.34
C VAL D 649 20.88 -40.40 22.82
N ILE D 650 21.02 -40.65 21.51
CA ILE D 650 20.45 -41.81 20.86
C ILE D 650 21.57 -42.80 20.59
N HIS D 651 21.37 -44.04 21.02
CA HIS D 651 22.39 -45.07 20.87
C HIS D 651 22.50 -45.47 19.40
N PRO D 652 23.70 -45.41 18.80
CA PRO D 652 23.83 -45.84 17.39
C PRO D 652 23.53 -47.31 17.17
N LEU D 653 23.58 -48.15 18.20
CA LEU D 653 23.26 -49.56 18.07
C LEU D 653 21.78 -49.86 18.17
N GLY D 654 20.96 -48.87 18.54
CA GLY D 654 19.52 -49.05 18.61
C GLY D 654 18.96 -48.72 19.98
N LEU D 655 17.74 -48.19 19.99
CA LEU D 655 17.05 -47.84 21.22
C LEU D 655 16.15 -48.96 21.71
N ARG D 656 15.19 -49.37 20.89
CA ARG D 656 14.29 -50.47 21.23
C ARG D 656 14.73 -51.80 20.65
N SER D 657 15.07 -51.84 19.37
CA SER D 657 15.53 -53.06 18.70
C SER D 657 16.96 -52.87 18.23
N GLU D 658 17.68 -53.98 18.11
CA GLU D 658 19.04 -53.95 17.61
C GLU D 658 19.07 -53.44 16.18
N PHE D 659 19.97 -52.49 15.91
CA PHE D 659 20.04 -51.88 14.58
C PHE D 659 20.69 -52.85 13.60
N PRO D 660 20.10 -53.03 12.40
CA PRO D 660 20.68 -53.97 11.45
C PRO D 660 22.04 -53.51 10.93
N ILE D 661 22.88 -54.47 10.60
CA ILE D 661 24.22 -54.17 10.11
C ILE D 661 24.17 -53.56 8.71
N TRP D 662 23.27 -54.06 7.86
CA TRP D 662 23.23 -53.62 6.46
C TRP D 662 22.83 -52.15 6.34
N MET D 663 21.94 -51.67 7.20
CA MET D 663 21.54 -50.26 7.14
C MET D 663 22.66 -49.32 7.54
N MET D 664 23.63 -49.80 8.33
CA MET D 664 24.77 -48.96 8.69
C MET D 664 25.60 -48.58 7.46
N PHE D 665 25.78 -49.53 6.53
CA PHE D 665 26.52 -49.22 5.31
C PHE D 665 25.61 -48.60 4.25
N ALA D 666 24.32 -48.92 4.29
CA ALA D 666 23.38 -48.39 3.29
C ALA D 666 22.98 -46.95 3.55
N SER D 667 23.36 -46.37 4.70
CA SER D 667 23.01 -44.99 5.00
C SER D 667 23.81 -43.98 4.19
N ALA D 668 24.82 -44.43 3.43
CA ALA D 668 25.68 -43.50 2.70
C ALA D 668 24.91 -42.78 1.59
N LEU D 669 24.04 -43.50 0.87
CA LEU D 669 23.30 -42.86 -0.22
C LEU D 669 22.37 -41.76 0.27
N PRO D 670 21.53 -41.95 1.31
CA PRO D 670 20.82 -40.78 1.87
C PRO D 670 21.76 -39.73 2.40
N ALA D 671 22.90 -40.14 2.98
CA ALA D 671 23.90 -39.16 3.39
C ALA D 671 24.48 -38.42 2.20
N LEU D 672 24.67 -39.12 1.08
CA LEU D 672 25.13 -38.46 -0.14
C LEU D 672 24.12 -37.43 -0.62
N LEU D 673 22.83 -37.77 -0.58
CA LEU D 673 21.80 -36.82 -0.99
C LEU D 673 21.76 -35.61 -0.07
N VAL D 674 21.87 -35.84 1.24
CA VAL D 674 21.89 -34.74 2.20
C VAL D 674 23.10 -33.85 1.96
N PHE D 675 24.27 -34.46 1.72
CA PHE D 675 25.47 -33.69 1.45
C PHE D 675 25.33 -32.86 0.19
N ILE D 676 24.73 -33.43 -0.86
CA ILE D 676 24.52 -32.69 -2.10
C ILE D 676 23.60 -31.49 -1.86
N LEU D 677 22.50 -31.72 -1.15
CA LEU D 677 21.55 -30.64 -0.86
C LEU D 677 22.21 -29.52 -0.06
N ILE D 678 22.87 -29.88 1.05
CA ILE D 678 23.48 -28.88 1.92
C ILE D 678 24.60 -28.15 1.20
N PHE D 679 25.41 -28.90 0.44
CA PHE D 679 26.51 -28.30 -0.31
C PHE D 679 26.00 -27.27 -1.30
N LEU D 680 25.02 -27.65 -2.13
CA LEU D 680 24.50 -26.73 -3.13
C LEU D 680 23.89 -25.50 -2.46
N GLU D 681 23.06 -25.70 -1.44
CA GLU D 681 22.40 -24.59 -0.77
C GLU D 681 23.42 -23.62 -0.16
N SER D 682 24.34 -24.15 0.64
CA SER D 682 25.30 -23.31 1.34
C SER D 682 26.26 -22.62 0.37
N GLN D 683 26.77 -23.34 -0.63
CA GLN D 683 27.74 -22.74 -1.53
C GLN D 683 27.10 -21.70 -2.44
N ILE D 684 25.89 -21.95 -2.93
CA ILE D 684 25.22 -20.94 -3.75
C ILE D 684 24.85 -19.72 -2.91
N THR D 685 24.43 -19.94 -1.66
CA THR D 685 24.16 -18.81 -0.77
C THR D 685 25.42 -18.00 -0.51
N THR D 686 26.55 -18.67 -0.31
CA THR D 686 27.81 -17.98 -0.11
C THR D 686 28.22 -17.20 -1.36
N LEU D 687 28.00 -17.77 -2.54
CA LEU D 687 28.26 -17.06 -3.78
C LEU D 687 27.40 -15.80 -3.88
N ILE D 688 26.13 -15.91 -3.51
CA ILE D 688 25.22 -14.76 -3.61
C ILE D 688 25.64 -13.66 -2.63
N VAL D 689 25.93 -14.04 -1.39
CA VAL D 689 26.22 -13.02 -0.37
C VAL D 689 27.62 -12.45 -0.50
N SER D 690 28.52 -13.12 -1.23
CA SER D 690 29.89 -12.66 -1.38
C SER D 690 30.21 -12.19 -2.79
N LYS D 691 29.24 -11.64 -3.50
CA LYS D 691 29.51 -11.09 -4.82
C LYS D 691 30.39 -9.86 -4.69
N PRO D 692 31.29 -9.60 -5.66
CA PRO D 692 32.13 -8.39 -5.57
C PRO D 692 31.33 -7.10 -5.62
N GLU D 693 30.17 -7.11 -6.30
CA GLU D 693 29.34 -5.92 -6.40
C GLU D 693 28.64 -5.57 -5.09
N ARG D 694 28.65 -6.47 -4.11
CA ARG D 694 28.03 -6.21 -2.81
C ARG D 694 28.99 -5.59 -1.81
N LYS D 695 30.22 -5.26 -2.23
CA LYS D 695 31.23 -4.60 -1.39
C LYS D 695 31.57 -5.45 -0.17
N MET D 696 31.91 -6.72 -0.41
CA MET D 696 32.40 -7.60 0.63
C MET D 696 33.92 -7.54 0.65
N VAL D 697 34.48 -6.84 1.64
CA VAL D 697 35.91 -6.53 1.65
C VAL D 697 36.60 -7.28 2.79
N LYS D 698 36.04 -8.41 3.19
CA LYS D 698 36.63 -9.23 4.24
C LYS D 698 36.90 -10.67 3.83
N GLY D 699 36.33 -11.13 2.73
CA GLY D 699 36.58 -12.46 2.23
C GLY D 699 35.64 -13.50 2.83
N SER D 700 35.48 -14.60 2.09
CA SER D 700 34.62 -15.70 2.49
C SER D 700 35.38 -17.01 2.30
N GLY D 701 35.10 -17.96 3.20
CA GLY D 701 35.71 -19.26 3.11
C GLY D 701 34.73 -20.36 2.73
N PHE D 702 34.85 -20.88 1.51
CA PHE D 702 33.92 -21.91 1.06
C PHE D 702 34.21 -23.25 1.72
N HIS D 703 35.49 -23.57 1.94
CA HIS D 703 35.85 -24.86 2.52
C HIS D 703 35.52 -24.91 4.01
N LEU D 704 35.83 -23.84 4.73
CA LEU D 704 35.65 -23.84 6.19
C LEU D 704 34.17 -23.86 6.56
N ASP D 705 33.35 -23.04 5.88
CA ASP D 705 31.94 -22.96 6.22
C ASP D 705 31.22 -24.27 5.93
N LEU D 706 31.50 -24.88 4.78
CA LEU D 706 30.90 -26.17 4.45
C LEU D 706 31.30 -27.24 5.46
N LEU D 707 32.60 -27.26 5.81
CA LEU D 707 33.09 -28.23 6.78
C LEU D 707 32.37 -28.06 8.11
N LEU D 708 32.26 -26.82 8.59
CA LEU D 708 31.61 -26.57 9.87
C LEU D 708 30.14 -26.97 9.82
N VAL D 709 29.44 -26.62 8.74
CA VAL D 709 28.01 -26.91 8.65
C VAL D 709 27.76 -28.41 8.63
N VAL D 710 28.48 -29.15 7.79
CA VAL D 710 28.24 -30.59 7.69
C VAL D 710 28.69 -31.30 8.96
N GLY D 711 29.80 -30.85 9.57
CA GLY D 711 30.23 -31.45 10.82
C GLY D 711 29.26 -31.22 11.95
N MET D 712 28.72 -30.00 12.07
CA MET D 712 27.73 -29.72 13.09
C MET D 712 26.46 -30.51 12.85
N GLY D 713 26.07 -30.68 11.57
CA GLY D 713 24.91 -31.51 11.28
C GLY D 713 25.13 -32.96 11.67
N GLY D 714 26.31 -33.50 11.37
CA GLY D 714 26.61 -34.87 11.77
C GLY D 714 26.65 -35.06 13.27
N VAL D 715 27.20 -34.08 14.00
CA VAL D 715 27.24 -34.15 15.45
C VAL D 715 25.83 -34.05 16.04
N ALA D 716 25.02 -33.13 15.51
CA ALA D 716 23.65 -32.97 16.00
C ALA D 716 22.79 -34.17 15.66
N ALA D 717 23.16 -34.92 14.62
CA ALA D 717 22.45 -36.16 14.31
C ALA D 717 22.58 -37.16 15.45
N LEU D 718 23.75 -37.20 16.09
CA LEU D 718 23.97 -38.09 17.23
C LEU D 718 23.06 -37.75 18.40
N PHE D 719 22.72 -36.47 18.58
CA PHE D 719 21.87 -36.04 19.69
C PHE D 719 20.39 -36.02 19.31
N GLY D 720 20.04 -36.60 18.17
CA GLY D 720 18.67 -36.57 17.71
C GLY D 720 18.17 -35.20 17.34
N MET D 721 19.04 -34.37 16.76
CA MET D 721 18.66 -33.03 16.34
C MET D 721 18.82 -32.88 14.83
N PRO D 722 17.97 -32.10 14.18
CA PRO D 722 18.03 -31.98 12.72
C PRO D 722 19.30 -31.25 12.27
N TRP D 723 19.82 -31.67 11.12
CA TRP D 723 20.92 -30.95 10.50
C TRP D 723 20.38 -29.74 9.73
N LEU D 724 21.23 -28.74 9.56
CA LEU D 724 20.82 -27.47 8.98
C LEU D 724 21.67 -27.15 7.76
N SER D 725 21.32 -26.04 7.12
CA SER D 725 22.04 -25.55 5.95
C SER D 725 21.93 -24.03 5.90
N ALA D 726 22.85 -23.41 5.18
CA ALA D 726 22.82 -21.96 5.01
C ALA D 726 21.69 -21.58 4.05
N THR D 727 20.57 -21.11 4.60
CA THR D 727 19.40 -20.80 3.83
C THR D 727 19.61 -19.51 3.04
N THR D 728 19.09 -19.48 1.81
CA THR D 728 19.33 -18.36 0.91
C THR D 728 18.61 -17.11 1.40
N VAL D 729 17.32 -17.22 1.72
CA VAL D 729 16.53 -16.03 2.03
C VAL D 729 17.01 -15.37 3.32
N ARG D 730 17.23 -16.16 4.37
CA ARG D 730 17.64 -15.60 5.66
C ARG D 730 19.02 -14.95 5.56
N SER D 731 19.96 -15.60 4.88
CA SER D 731 21.31 -15.06 4.76
C SER D 731 21.33 -13.80 3.88
N VAL D 732 20.55 -13.79 2.79
CA VAL D 732 20.47 -12.61 1.95
C VAL D 732 19.84 -11.45 2.72
N THR D 733 18.80 -11.72 3.50
CA THR D 733 18.19 -10.67 4.30
C THR D 733 19.15 -10.15 5.36
N HIS D 734 19.93 -11.06 5.97
CA HIS D 734 20.93 -10.65 6.96
C HIS D 734 22.00 -9.77 6.33
N ALA D 735 22.46 -10.13 5.12
CA ALA D 735 23.45 -9.31 4.43
C ALA D 735 22.87 -7.95 4.05
N ASN D 736 21.62 -7.92 3.59
CA ASN D 736 21.00 -6.65 3.19
C ASN D 736 20.74 -5.76 4.41
N ALA D 737 20.38 -6.35 5.54
CA ALA D 737 20.16 -5.58 6.76
C ALA D 737 21.44 -4.96 7.29
N LEU D 738 22.59 -5.56 7.01
CA LEU D 738 23.88 -5.02 7.40
C LEU D 738 24.52 -4.18 6.31
N THR D 739 23.85 -4.00 5.18
CA THR D 739 24.40 -3.24 4.07
C THR D 739 24.15 -1.76 4.27
N VAL D 740 25.22 -0.96 4.13
CA VAL D 740 25.14 0.49 4.24
C VAL D 740 25.12 1.07 2.83
N MET D 741 24.12 1.89 2.55
CA MET D 741 23.93 2.47 1.22
C MET D 741 24.51 3.88 1.17
N GLY D 742 25.35 4.14 0.18
CA GLY D 742 25.94 5.44 0.02
C GLY D 742 25.01 6.40 -0.72
N LYS D 743 25.52 7.61 -0.91
CA LYS D 743 24.76 8.65 -1.60
C LYS D 743 24.70 8.37 -3.11
N ALA D 751 21.22 3.85 -3.57
CA ALA D 751 21.75 3.99 -4.92
C ALA D 751 22.98 3.11 -5.12
N GLN D 752 24.07 3.46 -4.43
CA GLN D 752 25.33 2.73 -4.53
C GLN D 752 25.65 2.12 -3.17
N ILE D 753 26.04 0.85 -3.18
CA ILE D 753 26.42 0.17 -1.94
C ILE D 753 27.79 0.67 -1.50
N GLN D 754 27.88 1.09 -0.24
CA GLN D 754 29.12 1.66 0.29
C GLN D 754 29.95 0.64 1.06
N GLU D 755 29.36 -0.03 2.06
CA GLU D 755 30.07 -1.03 2.85
C GLU D 755 29.04 -1.96 3.48
N VAL D 756 29.54 -3.06 4.05
CA VAL D 756 28.71 -4.06 4.72
C VAL D 756 29.25 -4.25 6.14
N LYS D 757 28.35 -4.21 7.12
CA LYS D 757 28.73 -4.38 8.53
C LYS D 757 29.01 -5.86 8.78
N GLU D 758 30.19 -6.29 8.33
CA GLU D 758 30.61 -7.69 8.50
C GLU D 758 31.13 -7.89 9.92
N GLN D 759 30.41 -8.69 10.71
CA GLN D 759 30.78 -8.94 12.09
C GLN D 759 30.13 -10.25 12.53
N ARG D 760 30.70 -10.85 13.57
CA ARG D 760 30.22 -12.12 14.11
C ARG D 760 29.19 -11.96 15.21
N ILE D 761 29.00 -10.74 15.74
CA ILE D 761 28.11 -10.53 16.87
C ILE D 761 26.66 -10.77 16.49
N SER D 762 26.29 -10.39 15.26
CA SER D 762 24.89 -10.46 14.85
C SER D 762 24.39 -11.90 14.82
N GLY D 763 25.11 -12.79 14.14
CA GLY D 763 24.69 -14.17 14.07
C GLY D 763 24.72 -14.86 15.42
N LEU D 764 25.73 -14.55 16.24
CA LEU D 764 25.81 -15.11 17.57
C LEU D 764 24.62 -14.69 18.42
N LEU D 765 24.25 -13.40 18.37
CA LEU D 765 23.10 -12.94 19.14
C LEU D 765 21.81 -13.54 18.61
N VAL D 766 21.69 -13.71 17.30
CA VAL D 766 20.50 -14.34 16.73
C VAL D 766 20.37 -15.77 17.23
N ALA D 767 21.48 -16.53 17.23
CA ALA D 767 21.44 -17.90 17.71
C ALA D 767 21.12 -17.95 19.21
N VAL D 768 21.69 -17.02 19.98
CA VAL D 768 21.41 -16.98 21.42
C VAL D 768 19.94 -16.69 21.68
N LEU D 769 19.36 -15.74 20.94
CA LEU D 769 17.95 -15.42 21.11
C LEU D 769 17.06 -16.57 20.67
N VAL D 770 17.47 -17.29 19.62
CA VAL D 770 16.71 -18.47 19.19
C VAL D 770 16.73 -19.53 20.29
N GLY D 771 17.89 -19.75 20.91
CA GLY D 771 17.97 -20.68 22.01
C GLY D 771 17.15 -20.26 23.22
N LEU D 772 17.12 -18.95 23.49
CA LEU D 772 16.38 -18.39 24.61
C LEU D 772 14.92 -18.14 24.28
N SER D 773 14.47 -18.46 23.07
CA SER D 773 13.08 -18.25 22.69
C SER D 773 12.12 -19.02 23.59
N ILE D 774 12.54 -20.18 24.11
CA ILE D 774 11.70 -20.93 25.04
C ILE D 774 11.52 -20.17 26.34
N LEU D 775 12.56 -19.52 26.83
CA LEU D 775 12.51 -18.80 28.09
C LEU D 775 11.74 -17.49 28.01
N MET D 776 11.53 -16.95 26.81
CA MET D 776 10.78 -15.70 26.63
C MET D 776 9.42 -15.96 25.99
N GLU D 777 8.76 -17.04 26.39
CA GLU D 777 7.42 -17.36 25.89
C GLU D 777 6.39 -16.26 26.09
N PRO D 778 6.29 -15.57 27.24
CA PRO D 778 5.27 -14.50 27.35
C PRO D 778 5.42 -13.39 26.32
N ILE D 779 6.64 -13.08 25.90
CA ILE D 779 6.86 -12.08 24.86
C ILE D 779 6.45 -12.63 23.49
N LEU D 780 6.80 -13.88 23.20
CA LEU D 780 6.51 -14.46 21.90
C LEU D 780 5.05 -14.85 21.75
N SER D 781 4.35 -15.12 22.87
CA SER D 781 2.97 -15.56 22.81
C SER D 781 2.01 -14.47 22.34
N ARG D 782 2.44 -13.21 22.32
CA ARG D 782 1.58 -12.10 21.92
C ARG D 782 1.93 -11.57 20.54
N ILE D 783 2.70 -12.32 19.75
CA ILE D 783 3.13 -11.90 18.42
C ILE D 783 2.34 -12.71 17.39
N PRO D 784 1.48 -12.09 16.59
CA PRO D 784 0.72 -12.85 15.59
C PRO D 784 1.60 -13.32 14.44
N LEU D 785 1.14 -14.37 13.77
CA LEU D 785 1.85 -14.86 12.59
C LEU D 785 1.64 -13.96 11.38
N ALA D 786 0.55 -13.20 11.37
CA ALA D 786 0.26 -12.33 10.22
C ALA D 786 1.28 -11.23 10.09
N VAL D 787 1.74 -10.68 11.21
CA VAL D 787 2.85 -9.72 11.18
C VAL D 787 4.10 -10.38 10.61
N LEU D 788 4.35 -11.61 11.04
CA LEU D 788 5.48 -12.37 10.49
C LEU D 788 5.26 -12.68 9.01
N PHE D 789 4.00 -12.86 8.58
CA PHE D 789 3.74 -13.07 7.15
C PHE D 789 4.06 -11.82 6.35
N GLY D 790 3.70 -10.65 6.86
CA GLY D 790 4.08 -9.41 6.19
C GLY D 790 5.58 -9.22 6.16
N ILE D 791 6.27 -9.60 7.23
CA ILE D 791 7.73 -9.55 7.27
C ILE D 791 8.32 -10.49 6.20
N PHE D 792 7.74 -11.69 6.07
CA PHE D 792 8.21 -12.63 5.05
C PHE D 792 7.99 -12.07 3.65
N LEU D 793 6.85 -11.44 3.41
CA LEU D 793 6.60 -10.83 2.11
C LEU D 793 7.61 -9.71 1.82
N TYR D 794 7.91 -8.90 2.84
CA TYR D 794 8.91 -7.85 2.69
C TYR D 794 10.27 -8.44 2.36
N MET D 795 10.66 -9.52 3.04
CA MET D 795 11.93 -10.18 2.76
C MET D 795 11.96 -10.73 1.33
N GLY D 796 10.85 -11.32 0.90
CA GLY D 796 10.79 -11.86 -0.45
C GLY D 796 10.90 -10.80 -1.52
N VAL D 797 10.22 -9.67 -1.33
CA VAL D 797 10.27 -8.62 -2.35
C VAL D 797 11.61 -7.90 -2.32
N THR D 798 12.26 -7.83 -1.14
CA THR D 798 13.55 -7.18 -1.06
C THR D 798 14.71 -8.08 -1.47
N SER D 799 14.48 -9.39 -1.57
CA SER D 799 15.55 -10.29 -2.00
C SER D 799 15.77 -10.28 -3.51
N LEU D 800 14.92 -9.58 -4.27
CA LEU D 800 15.02 -9.55 -5.73
C LEU D 800 15.78 -8.35 -6.25
N SER D 801 16.33 -7.50 -5.38
CA SER D 801 16.97 -6.27 -5.82
C SER D 801 18.25 -6.55 -6.62
N GLY D 802 19.08 -7.45 -6.10
CA GLY D 802 20.39 -7.71 -6.68
C GLY D 802 20.44 -8.71 -7.81
N ILE D 803 19.31 -9.22 -8.27
CA ILE D 803 19.27 -10.26 -9.30
C ILE D 803 19.09 -9.60 -10.66
N GLN D 804 20.02 -9.86 -11.58
CA GLN D 804 19.88 -9.33 -12.94
C GLN D 804 18.79 -10.06 -13.71
N LEU D 805 18.48 -11.31 -13.34
CA LEU D 805 17.39 -12.02 -13.98
C LEU D 805 16.06 -11.33 -13.74
N PHE D 806 15.83 -10.86 -12.50
CA PHE D 806 14.62 -10.11 -12.20
C PHE D 806 14.56 -8.80 -12.98
N ASP D 807 15.70 -8.11 -13.11
CA ASP D 807 15.74 -6.88 -13.88
C ASP D 807 15.43 -7.12 -15.36
N ARG D 808 15.99 -8.19 -15.93
CA ARG D 808 15.75 -8.48 -17.34
C ARG D 808 14.34 -9.00 -17.58
N ILE D 809 13.72 -9.62 -16.56
CA ILE D 809 12.30 -9.97 -16.66
C ILE D 809 11.45 -8.70 -16.74
N LEU D 810 11.80 -7.70 -15.94
CA LEU D 810 11.10 -6.42 -16.01
C LEU D 810 11.31 -5.72 -17.35
N LEU D 811 12.46 -5.96 -18.00
CA LEU D 811 12.72 -5.37 -19.30
C LEU D 811 11.85 -5.98 -20.40
N LEU D 812 11.24 -7.14 -20.14
CA LEU D 812 10.30 -7.72 -21.10
C LEU D 812 9.05 -6.87 -21.26
N PHE D 813 8.72 -6.06 -20.25
CA PHE D 813 7.52 -5.21 -20.28
C PHE D 813 7.87 -3.74 -20.45
N LYS D 814 9.01 -3.43 -21.06
CA LYS D 814 9.43 -2.06 -21.26
C LYS D 814 9.79 -1.81 -22.72
N PRO D 815 9.59 -0.58 -23.23
CA PRO D 815 10.10 -0.25 -24.54
C PRO D 815 11.62 -0.27 -24.56
N PRO D 816 12.23 -0.56 -25.72
CA PRO D 816 13.70 -0.61 -25.77
C PRO D 816 14.40 0.68 -25.39
N LYS D 817 13.76 1.83 -25.62
CA LYS D 817 14.41 3.11 -25.30
C LYS D 817 14.46 3.38 -23.81
N TYR D 818 13.66 2.67 -23.00
CA TYR D 818 13.68 2.86 -21.56
C TYR D 818 14.64 1.92 -20.83
N HIS D 819 15.36 1.08 -21.57
CA HIS D 819 16.30 0.17 -20.93
C HIS D 819 17.47 0.95 -20.33
N PRO D 820 17.95 0.56 -19.15
CA PRO D 820 19.04 1.30 -18.52
C PRO D 820 20.36 1.10 -19.25
N ASP D 821 21.29 2.04 -19.00
CA ASP D 821 22.62 2.00 -19.61
C ASP D 821 23.46 0.94 -18.91
N VAL D 822 23.32 -0.29 -19.39
CA VAL D 822 24.04 -1.43 -18.82
C VAL D 822 24.72 -2.17 -19.96
N PRO D 823 25.83 -2.89 -19.66
CA PRO D 823 26.56 -3.57 -20.74
C PRO D 823 25.74 -4.59 -21.52
N TYR D 824 24.78 -5.23 -20.89
CA TYR D 824 24.01 -6.26 -21.59
C TYR D 824 22.88 -5.68 -22.44
N VAL D 825 22.69 -4.36 -22.44
CA VAL D 825 21.69 -3.71 -23.29
C VAL D 825 22.35 -2.96 -24.44
N LYS D 826 23.39 -2.18 -24.15
CA LYS D 826 24.04 -1.38 -25.18
C LYS D 826 24.95 -2.20 -26.08
N ARG D 827 25.30 -3.43 -25.71
CA ARG D 827 26.16 -4.28 -26.52
C ARG D 827 25.45 -5.51 -27.06
N VAL D 828 24.20 -5.76 -26.64
CA VAL D 828 23.42 -6.91 -27.08
C VAL D 828 22.11 -6.40 -27.66
N LYS D 829 21.66 -7.03 -28.73
CA LYS D 829 20.37 -6.67 -29.33
C LYS D 829 19.24 -6.98 -28.36
N THR D 830 18.15 -6.22 -28.48
CA THR D 830 17.03 -6.35 -27.55
C THR D 830 16.40 -7.73 -27.64
N TRP D 831 16.19 -8.23 -28.85
CA TRP D 831 15.58 -9.55 -29.00
C TRP D 831 16.51 -10.67 -28.53
N ARG D 832 17.83 -10.49 -28.72
CA ARG D 832 18.78 -11.46 -28.19
C ARG D 832 18.73 -11.51 -26.66
N MET D 833 18.67 -10.34 -26.02
CA MET D 833 18.57 -10.29 -24.56
C MET D 833 17.26 -10.90 -24.08
N HIS D 834 16.16 -10.63 -24.79
CA HIS D 834 14.87 -11.19 -24.40
C HIS D 834 14.86 -12.71 -24.58
N LEU D 835 15.50 -13.22 -25.63
CA LEU D 835 15.62 -14.66 -25.80
C LEU D 835 16.46 -15.28 -24.68
N PHE D 836 17.56 -14.61 -24.32
CA PHE D 836 18.40 -15.11 -23.22
C PHE D 836 17.62 -15.13 -21.91
N THR D 837 16.81 -14.10 -21.66
CA THR D 837 15.96 -14.10 -20.47
C THR D 837 14.92 -15.22 -20.53
N GLY D 838 14.31 -15.42 -21.70
CA GLY D 838 13.29 -16.45 -21.83
C GLY D 838 13.84 -17.85 -21.66
N ILE D 839 15.11 -18.06 -22.01
CA ILE D 839 15.74 -19.36 -21.75
C ILE D 839 15.79 -19.63 -20.25
N GLN D 840 16.11 -18.61 -19.45
CA GLN D 840 16.11 -18.79 -18.00
C GLN D 840 14.70 -19.00 -17.46
N ILE D 841 13.69 -18.40 -18.11
CA ILE D 841 12.31 -18.56 -17.65
C ILE D 841 11.88 -20.02 -17.80
N ILE D 842 12.29 -20.66 -18.90
CA ILE D 842 11.98 -22.08 -19.08
C ILE D 842 12.64 -22.92 -17.99
N CYS D 843 13.87 -22.58 -17.62
CA CYS D 843 14.54 -23.26 -16.53
C CYS D 843 13.80 -23.05 -15.21
N LEU D 844 13.31 -21.83 -14.97
CA LEU D 844 12.53 -21.56 -13.77
C LEU D 844 11.25 -22.39 -13.75
N ALA D 845 10.58 -22.50 -14.90
CA ALA D 845 9.36 -23.31 -14.98
C ALA D 845 9.67 -24.78 -14.71
N VAL D 846 10.76 -25.29 -15.28
CA VAL D 846 11.14 -26.68 -15.06
C VAL D 846 11.44 -26.93 -13.59
N LEU D 847 12.18 -26.02 -12.95
CA LEU D 847 12.48 -26.16 -11.53
C LEU D 847 11.22 -26.09 -10.68
N TRP D 848 10.27 -25.23 -11.07
CA TRP D 848 9.01 -25.13 -10.34
C TRP D 848 8.20 -26.42 -10.47
N VAL D 849 8.22 -27.04 -11.65
CA VAL D 849 7.48 -28.29 -11.86
C VAL D 849 8.06 -29.40 -10.99
N VAL D 850 9.40 -29.48 -10.90
CA VAL D 850 10.05 -30.51 -10.10
C VAL D 850 9.68 -30.38 -8.63
N LYS D 851 9.56 -29.14 -8.15
CA LYS D 851 9.19 -28.91 -6.76
C LYS D 851 7.79 -29.43 -6.45
N SER D 852 6.87 -29.30 -7.41
CA SER D 852 5.48 -29.70 -7.22
C SER D 852 5.24 -31.17 -7.54
N THR D 853 6.28 -32.00 -7.48
CA THR D 853 6.20 -33.43 -7.74
C THR D 853 6.79 -34.17 -6.56
N PRO D 854 6.41 -35.45 -6.36
CA PRO D 854 7.02 -36.23 -5.28
C PRO D 854 8.53 -36.35 -5.39
N ALA D 855 9.09 -36.27 -6.60
CA ALA D 855 10.53 -36.28 -6.79
C ALA D 855 11.12 -34.87 -6.67
N SER D 856 10.82 -34.20 -5.55
CA SER D 856 11.34 -32.86 -5.31
C SER D 856 12.77 -32.88 -4.79
N LEU D 857 13.27 -34.04 -4.35
CA LEU D 857 14.66 -34.14 -3.91
C LEU D 857 15.64 -34.17 -5.07
N ALA D 858 15.16 -34.29 -6.31
CA ALA D 858 16.01 -34.21 -7.49
C ALA D 858 16.25 -32.78 -7.96
N LEU D 859 15.69 -31.80 -7.25
CA LEU D 859 15.92 -30.40 -7.59
C LEU D 859 17.39 -29.98 -7.67
N PRO D 860 18.29 -30.39 -6.75
CA PRO D 860 19.71 -30.02 -6.93
C PRO D 860 20.32 -30.53 -8.23
N PHE D 861 19.94 -31.73 -8.67
CA PHE D 861 20.50 -32.25 -9.92
C PHE D 861 20.03 -31.45 -11.12
N VAL D 862 18.74 -31.09 -11.16
CA VAL D 862 18.23 -30.27 -12.27
C VAL D 862 18.85 -28.88 -12.23
N LEU D 863 19.10 -28.36 -11.03
CA LEU D 863 19.79 -27.08 -10.90
C LEU D 863 21.21 -27.16 -11.43
N ILE D 864 21.91 -28.26 -11.13
CA ILE D 864 23.26 -28.47 -11.64
C ILE D 864 23.25 -28.58 -13.16
N LEU D 865 22.18 -29.17 -13.71
CA LEU D 865 22.08 -29.34 -15.16
C LEU D 865 22.07 -28.02 -15.92
N THR D 866 21.82 -26.90 -15.24
CA THR D 866 21.91 -25.61 -15.90
C THR D 866 23.34 -25.24 -16.29
N VAL D 867 24.33 -25.75 -15.56
CA VAL D 867 25.74 -25.46 -15.85
C VAL D 867 26.16 -26.01 -17.21
N PRO D 868 25.81 -27.26 -17.59
CA PRO D 868 26.05 -27.67 -18.99
C PRO D 868 25.31 -26.82 -20.00
N LEU D 869 24.11 -26.35 -19.66
CA LEU D 869 23.38 -25.45 -20.56
C LEU D 869 24.15 -24.16 -20.78
N ARG D 870 24.72 -23.60 -19.71
CA ARG D 870 25.47 -22.35 -19.82
C ARG D 870 26.79 -22.55 -20.57
N ARG D 871 27.51 -23.64 -20.28
CA ARG D 871 28.86 -23.82 -20.80
C ARG D 871 28.91 -24.50 -22.16
N VAL D 872 27.85 -25.19 -22.59
CA VAL D 872 27.86 -25.94 -23.84
C VAL D 872 26.79 -25.43 -24.81
N LEU D 873 25.52 -25.44 -24.40
CA LEU D 873 24.42 -25.12 -25.30
C LEU D 873 24.26 -23.63 -25.57
N LEU D 874 24.51 -22.78 -24.57
CA LEU D 874 24.42 -21.33 -24.80
C LEU D 874 25.43 -20.80 -25.81
N PRO D 875 26.71 -21.18 -25.80
CA PRO D 875 27.62 -20.69 -26.86
C PRO D 875 27.23 -21.10 -28.26
N LEU D 876 26.45 -22.18 -28.41
CA LEU D 876 26.02 -22.60 -29.74
C LEU D 876 25.04 -21.62 -30.38
N ILE D 877 24.35 -20.80 -29.58
CA ILE D 877 23.38 -19.85 -30.09
C ILE D 877 23.70 -18.41 -29.72
N PHE D 878 24.69 -18.17 -28.86
CA PHE D 878 25.08 -16.82 -28.47
C PHE D 878 26.58 -16.66 -28.65
N ARG D 879 26.99 -15.43 -28.96
CA ARG D 879 28.40 -15.13 -29.16
C ARG D 879 29.11 -15.00 -27.81
N ASN D 880 30.44 -14.99 -27.86
CA ASN D 880 31.24 -14.88 -26.65
C ASN D 880 31.03 -13.52 -25.98
N VAL D 881 30.97 -12.45 -26.78
CA VAL D 881 30.75 -11.13 -26.22
C VAL D 881 29.36 -11.03 -25.61
N GLU D 882 28.35 -11.62 -26.27
CA GLU D 882 27.00 -11.61 -25.73
C GLU D 882 26.92 -12.35 -24.41
N LEU D 883 27.60 -13.50 -24.31
CA LEU D 883 27.58 -14.26 -23.06
C LEU D 883 28.36 -13.54 -21.97
N GLN D 884 29.45 -12.86 -22.33
CA GLN D 884 30.20 -12.10 -21.33
C GLN D 884 29.40 -10.91 -20.81
N CYS D 885 28.63 -10.25 -21.68
CA CYS D 885 27.82 -9.13 -21.24
C CYS D 885 26.62 -9.59 -20.42
N LEU D 886 25.94 -10.65 -20.86
CA LEU D 886 24.75 -11.15 -20.19
C LEU D 886 25.07 -11.93 -18.92
N ASP D 887 26.16 -12.69 -18.92
CA ASP D 887 26.57 -13.51 -17.79
C ASP D 887 27.97 -13.06 -17.38
N ALA D 888 28.03 -12.08 -16.48
CA ALA D 888 29.28 -11.52 -15.99
C ALA D 888 29.40 -11.77 -14.49
N ASP D 889 30.59 -12.17 -14.04
CA ASP D 889 30.79 -12.45 -12.63
C ASP D 889 30.81 -11.16 -11.80
N ASP D 890 31.24 -10.04 -12.39
CA ASP D 890 31.31 -8.79 -11.65
C ASP D 890 30.62 -7.64 -12.37
N ALA D 891 29.71 -7.94 -13.29
CA ALA D 891 28.94 -6.94 -14.05
C ALA D 891 29.89 -5.98 -14.80
N LYS D 892 30.65 -6.57 -15.71
CA LYS D 892 31.61 -5.86 -16.52
C LYS D 892 31.27 -6.01 -18.00
N ALA D 893 31.72 -5.05 -18.80
CA ALA D 893 31.46 -5.02 -20.23
C ALA D 893 32.52 -5.81 -21.00
N THR D 894 32.53 -7.13 -20.78
CA THR D 894 33.46 -8.06 -21.43
C THR D 894 34.92 -7.65 -21.26
#